data_7O0D
#
_entry.id   7O0D
#
_cell.length_a   199.344
_cell.length_b   199.344
_cell.length_c   168.268
_cell.angle_alpha   90.000
_cell.angle_beta   90.000
_cell.angle_gamma   120.000
#
_symmetry.space_group_name_H-M   'H 3 2'
#
loop_
_entity.id
_entity.type
_entity.pdbx_description
1 polymer 'CO-methylating acetyl-CoA synthase'
2 non-polymer 'IRON/SULFUR CLUSTER'
3 non-polymer 'NICKEL (II) ION'
4 non-polymer METHANETHIOL
5 non-polymer 1-(2-METHOXY-ETHOXY)-2-{2-[2-(2-METHOXY-ETHOXY]-ETHOXY}-ETHANE
6 non-polymer 'TETRAETHYLENE GLYCOL'
7 non-polymer DI(HYDROXYETHYL)ETHER
8 non-polymer 'SULFATE ION'
9 non-polymer '2-(N-MORPHOLINO)-ETHANESULFONIC ACID'
10 water water
#
_entity_poly.entity_id   1
_entity_poly.type   'polypeptide(L)'
_entity_poly.pdbx_seq_one_letter_code
;GNMSEVINFDQIFEGAIEPGKEPKRLFKEVYEGAITATSYAEILLSRAIEKYGPDHPVGYPDTAYFLPVIRAFSGEEVRT
LKDMVPILNRMRAQIKSELTFENARLAGEATWYAAEIIEALRYLKHTPENPIVVPPWTGFIGDPVVRQYGIKMVDWTIPG
EAIIIGRAKDSKAAKKIVDDLMGKGLMLFLCDEIIEQLLEENVKLGVDYIAYPLGNFTQVVHAANYALRAGLMFGGIAPG
LRDAHRDYQRRRVLAFVLYLGEHDMVKTAAAMGAIFTGFPVITDQPLPEDKQIKDWFISEPDYDKIVQTALEVRGIKITS
IDIDLPINFGPAFEGESIRKGDMHVEFGGGKTPSFELVRMVGPDEIEDGKVEVIGPDIDSVEPGGRLPIGIVVDIYGRKM
QEDFEPVLERRIHYFTNYGEGFWHTAQRDLTWVRISKEAFAKGARLKHLGQLLYAKFKQEFPSIVDRVQVTIYTDEQKVL
ELREIARKKYAERDARLRELSDEAVDTYYSCLLCQSFAPTHVCIVSPERVGLCGAISWLDAKAAYEINPNGPNQPIPKEG
LIDPVKGQWESFNEYIYKNSQRTIERMNLYTIMEYPMTSCGCFEAIMAYLPELNGFMIVNREHSGMTPIGMTFSTLAGMV
GGGTQTPGFMGIGKSYIGSRKFVKADGGLARVVWMPKDLKEQLRSIIEERAEEEGLGRDFIDKIADETVGTTVDEVLPFL
EEKGHPALSMEPLL
;
_entity_poly.pdbx_strand_id   A
#
loop_
_chem_comp.id
_chem_comp.type
_chem_comp.name
_chem_comp.formula
MEE non-polymer METHANETHIOL 'C H4 S'
MES non-polymer '2-(N-MORPHOLINO)-ETHANESULFONIC ACID' 'C6 H13 N O4 S'
NI non-polymer 'NICKEL (II) ION' 'Ni 2'
PEG non-polymer DI(HYDROXYETHYL)ETHER 'C4 H10 O3'
PG4 non-polymer 'TETRAETHYLENE GLYCOL' 'C8 H18 O5'
PG6 non-polymer 1-(2-METHOXY-ETHOXY)-2-{2-[2-(2-METHOXY-ETHOXY]-ETHOXY}-ETHANE 'C12 H26 O6'
SF4 non-polymer 'IRON/SULFUR CLUSTER' 'Fe4 S4'
SO4 non-polymer 'SULFATE ION' 'O4 S -2'
#
# COMPACT_ATOMS: atom_id res chain seq x y z
N VAL A 6 23.67 -11.71 5.55
CA VAL A 6 23.28 -13.02 5.03
C VAL A 6 22.44 -12.86 3.77
N ILE A 7 22.04 -11.61 3.47
CA ILE A 7 21.13 -11.38 2.36
C ILE A 7 21.76 -11.78 1.03
N ASN A 8 23.05 -11.48 0.86
CA ASN A 8 23.72 -11.70 -0.43
C ASN A 8 22.88 -11.08 -1.55
N PHE A 9 22.79 -9.74 -1.49
CA PHE A 9 22.01 -8.98 -2.46
C PHE A 9 22.60 -9.06 -3.86
N ASP A 10 23.92 -9.15 -3.96
CA ASP A 10 24.58 -9.08 -5.26
C ASP A 10 24.20 -10.24 -6.17
N GLN A 11 23.57 -11.29 -5.61
CA GLN A 11 23.02 -12.36 -6.43
C GLN A 11 22.30 -11.78 -7.63
N ILE A 12 21.60 -10.67 -7.40
CA ILE A 12 20.68 -10.17 -8.41
C ILE A 12 21.40 -9.77 -9.69
N PHE A 13 22.70 -9.45 -9.60
CA PHE A 13 23.44 -9.03 -10.78
C PHE A 13 24.07 -10.16 -11.57
N GLU A 14 24.09 -11.38 -11.03
CA GLU A 14 24.75 -12.48 -11.73
C GLU A 14 24.04 -12.80 -13.04
N GLY A 15 24.84 -13.04 -14.09
CA GLY A 15 24.33 -13.31 -15.41
C GLY A 15 24.02 -12.07 -16.23
N ALA A 16 24.16 -10.88 -15.65
CA ALA A 16 24.00 -9.66 -16.42
C ALA A 16 25.12 -9.49 -17.43
N ILE A 17 26.29 -10.08 -17.16
CA ILE A 17 27.47 -9.91 -17.99
C ILE A 17 28.14 -11.27 -18.16
N GLU A 18 28.49 -11.59 -19.41
CA GLU A 18 29.23 -12.83 -19.68
C GLU A 18 30.65 -12.71 -19.14
N PRO A 19 31.28 -13.81 -18.77
CA PRO A 19 32.66 -13.71 -18.27
C PRO A 19 33.55 -13.08 -19.32
N GLY A 20 34.41 -12.17 -18.88
CA GLY A 20 35.38 -11.56 -19.77
C GLY A 20 34.83 -10.54 -20.74
N LYS A 21 33.55 -10.19 -20.63
CA LYS A 21 32.89 -9.28 -21.58
C LYS A 21 32.39 -8.02 -20.89
N GLU A 22 33.17 -7.46 -19.97
CA GLU A 22 32.73 -6.29 -19.23
C GLU A 22 32.64 -5.08 -20.15
N PRO A 23 31.65 -4.19 -19.94
CA PRO A 23 31.58 -2.94 -20.73
C PRO A 23 32.59 -1.91 -20.22
N LYS A 24 33.83 -2.07 -20.65
CA LYS A 24 34.94 -1.38 -20.00
C LYS A 24 34.87 0.14 -20.15
N ARG A 25 34.29 0.66 -21.23
CA ARG A 25 34.18 2.11 -21.35
C ARG A 25 33.26 2.67 -20.26
N LEU A 26 32.16 1.97 -19.99
CA LEU A 26 31.25 2.42 -18.94
C LEU A 26 31.93 2.38 -17.58
N PHE A 27 32.72 1.34 -17.31
CA PHE A 27 33.39 1.25 -16.02
C PHE A 27 34.49 2.29 -15.88
N LYS A 28 35.18 2.61 -16.98
CA LYS A 28 36.18 3.68 -16.92
C LYS A 28 35.51 5.02 -16.63
N GLU A 29 34.37 5.29 -17.28
CA GLU A 29 33.67 6.54 -17.02
C GLU A 29 33.16 6.59 -15.58
N VAL A 30 32.62 5.48 -15.08
CA VAL A 30 32.10 5.47 -13.71
C VAL A 30 33.22 5.67 -12.71
N TYR A 31 34.39 5.07 -12.97
CA TYR A 31 35.51 5.22 -12.04
C TYR A 31 35.99 6.67 -12.02
N GLU A 32 36.14 7.29 -13.20
CA GLU A 32 36.59 8.67 -13.21
C GLU A 32 35.56 9.58 -12.55
N GLY A 33 34.26 9.30 -12.79
CA GLY A 33 33.25 10.17 -12.21
C GLY A 33 33.15 10.02 -10.70
N ALA A 34 33.35 8.80 -10.19
CA ALA A 34 33.32 8.59 -8.75
C ALA A 34 34.51 9.26 -8.07
N ILE A 35 35.70 9.13 -8.67
CA ILE A 35 36.86 9.83 -8.10
C ILE A 35 36.62 11.34 -8.15
N THR A 36 35.95 11.82 -9.21
CA THR A 36 35.70 13.25 -9.33
C THR A 36 34.74 13.74 -8.25
N ALA A 37 33.63 13.02 -8.07
CA ALA A 37 32.64 13.43 -7.08
C ALA A 37 33.22 13.37 -5.67
N THR A 38 33.98 12.32 -5.37
CA THR A 38 34.59 12.23 -4.05
C THR A 38 35.59 13.34 -3.82
N SER A 39 36.34 13.72 -4.86
CA SER A 39 37.29 14.82 -4.70
C SER A 39 36.56 16.13 -4.47
N TYR A 40 35.45 16.33 -5.19
CA TYR A 40 34.63 17.51 -4.94
C TYR A 40 34.25 17.57 -3.47
N ALA A 41 33.72 16.45 -2.95
CA ALA A 41 33.25 16.43 -1.57
C ALA A 41 34.40 16.66 -0.60
N GLU A 42 35.56 16.07 -0.87
CA GLU A 42 36.68 16.22 0.04
C GLU A 42 37.13 17.68 0.15
N ILE A 43 37.34 18.32 -1.00
CA ILE A 43 37.87 19.69 -0.94
C ILE A 43 36.80 20.64 -0.41
N LEU A 44 35.53 20.41 -0.74
CA LEU A 44 34.48 21.27 -0.21
C LEU A 44 34.36 21.12 1.31
N LEU A 45 34.51 19.89 1.82
CA LEU A 45 34.49 19.70 3.27
C LEU A 45 35.70 20.35 3.93
N SER A 46 36.84 20.28 3.26
CA SER A 46 38.05 20.91 3.80
C SER A 46 37.84 22.41 3.94
N ARG A 47 37.29 23.05 2.91
CA ARG A 47 37.04 24.48 3.00
C ARG A 47 35.96 24.80 4.03
N ALA A 48 34.96 23.92 4.16
CA ALA A 48 33.95 24.16 5.18
C ALA A 48 34.57 24.12 6.57
N ILE A 49 35.54 23.23 6.78
CA ILE A 49 36.17 23.13 8.09
C ILE A 49 37.12 24.31 8.32
N GLU A 50 37.79 24.76 7.26
CA GLU A 50 38.61 25.96 7.39
C GLU A 50 37.76 27.17 7.78
N LYS A 51 36.53 27.22 7.27
CA LYS A 51 35.68 28.39 7.45
C LYS A 51 34.88 28.37 8.75
N TYR A 52 34.34 27.21 9.14
CA TYR A 52 33.46 27.11 10.29
C TYR A 52 34.06 26.38 11.48
N GLY A 53 35.08 25.56 11.27
CA GLY A 53 35.63 24.73 12.32
C GLY A 53 35.12 23.30 12.25
N PRO A 54 35.93 22.35 12.70
CA PRO A 54 35.52 20.92 12.61
C PRO A 54 34.25 20.58 13.35
N ASP A 55 33.95 21.25 14.47
CA ASP A 55 32.81 20.89 15.30
C ASP A 55 31.53 21.61 14.89
N HIS A 56 31.54 22.33 13.78
CA HIS A 56 30.37 23.08 13.39
C HIS A 56 29.25 22.14 12.96
N PRO A 57 28.00 22.41 13.34
CA PRO A 57 26.90 21.54 12.92
C PRO A 57 26.71 21.56 11.41
N VAL A 58 26.28 20.41 10.88
CA VAL A 58 25.92 20.27 9.48
C VAL A 58 24.74 19.31 9.40
N GLY A 59 23.83 19.57 8.47
CA GLY A 59 22.67 18.71 8.32
C GLY A 59 21.64 19.32 7.40
N TYR A 60 20.57 18.56 7.20
CA TYR A 60 19.44 18.91 6.36
C TYR A 60 18.30 19.46 7.21
N PRO A 61 17.48 20.36 6.66
CA PRO A 61 16.25 20.76 7.35
C PRO A 61 15.25 19.62 7.50
N ASP A 62 14.55 19.60 8.64
CA ASP A 62 13.36 18.76 8.83
C ASP A 62 13.60 17.30 8.51
N THR A 63 14.62 16.72 9.14
CA THR A 63 14.81 15.28 9.09
C THR A 63 15.32 14.78 10.42
N ALA A 64 14.88 13.57 10.78
CA ALA A 64 15.39 12.87 11.95
C ALA A 64 16.51 11.90 11.62
N TYR A 65 16.91 11.80 10.35
CA TYR A 65 17.80 10.74 9.89
C TYR A 65 19.15 11.27 9.41
N PHE A 66 19.58 12.43 9.90
CA PHE A 66 20.94 12.92 9.69
C PHE A 66 21.18 13.05 8.19
N LEU A 67 22.19 12.39 7.61
CA LEU A 67 22.34 12.30 6.16
C LEU A 67 21.82 10.93 5.75
N PRO A 68 20.57 10.83 5.27
CA PRO A 68 19.90 9.52 5.25
C PRO A 68 20.61 8.44 4.45
N VAL A 69 21.27 8.78 3.34
CA VAL A 69 21.93 7.76 2.55
C VAL A 69 23.04 7.08 3.36
N ILE A 70 23.87 7.90 4.00
CA ILE A 70 24.93 7.39 4.86
C ILE A 70 24.35 6.69 6.06
N ARG A 71 23.28 7.27 6.64
CA ARG A 71 22.70 6.67 7.83
C ARG A 71 22.18 5.28 7.54
N ALA A 72 21.66 5.05 6.34
CA ALA A 72 21.14 3.73 6.01
C ALA A 72 22.27 2.77 5.66
N PHE A 73 23.11 3.13 4.68
CA PHE A 73 24.03 2.13 4.15
C PHE A 73 25.19 1.81 5.08
N SER A 74 25.60 2.75 5.94
CA SER A 74 26.67 2.46 6.89
C SER A 74 26.39 2.95 8.30
N GLY A 75 25.31 3.70 8.55
CA GLY A 75 24.82 3.91 9.89
C GLY A 75 25.34 5.13 10.62
N GLU A 76 26.33 5.84 10.08
CA GLU A 76 26.85 7.02 10.78
C GLU A 76 25.74 8.05 10.93
N GLU A 77 25.73 8.75 12.06
CA GLU A 77 24.77 9.82 12.31
C GLU A 77 25.50 11.16 12.18
N VAL A 78 25.74 11.57 10.93
CA VAL A 78 26.52 12.77 10.70
C VAL A 78 25.79 13.96 11.31
N ARG A 79 26.52 14.74 12.11
CA ARG A 79 25.97 15.91 12.79
C ARG A 79 26.90 17.11 12.76
N THR A 80 28.21 16.90 12.60
CA THR A 80 29.18 17.98 12.53
C THR A 80 30.16 17.65 11.41
N LEU A 81 30.88 18.68 10.97
CA LEU A 81 31.75 18.52 9.79
C LEU A 81 32.82 17.46 10.00
N LYS A 82 33.30 17.33 11.24
CA LYS A 82 34.33 16.34 11.54
C LYS A 82 33.83 14.94 11.21
N ASP A 83 32.54 14.69 11.40
CA ASP A 83 32.01 13.36 11.16
C ASP A 83 32.19 12.94 9.72
N MET A 84 32.21 13.90 8.78
CA MET A 84 32.35 13.54 7.38
C MET A 84 33.75 13.07 7.03
N VAL A 85 34.76 13.47 7.80
CA VAL A 85 36.14 13.21 7.38
C VAL A 85 36.42 11.72 7.23
N PRO A 86 36.18 10.87 8.24
CA PRO A 86 36.47 9.43 8.06
C PRO A 86 35.66 8.79 6.95
N ILE A 87 34.42 9.23 6.77
CA ILE A 87 33.54 8.60 5.78
C ILE A 87 34.14 8.73 4.39
N LEU A 88 34.57 9.95 4.03
CA LEU A 88 35.13 10.13 2.70
C LEU A 88 36.36 9.25 2.52
N ASN A 89 37.17 9.10 3.57
CA ASN A 89 38.34 8.23 3.42
C ASN A 89 37.89 6.84 3.03
N ARG A 90 36.91 6.31 3.76
CA ARG A 90 36.43 4.97 3.44
C ARG A 90 35.91 4.92 2.02
N MET A 91 35.16 5.94 1.61
CA MET A 91 34.62 5.91 0.26
C MET A 91 35.74 5.92 -0.77
N ARG A 92 36.78 6.72 -0.52
CA ARG A 92 37.86 6.74 -1.51
C ARG A 92 38.50 5.37 -1.59
N ALA A 93 38.57 4.66 -0.46
CA ALA A 93 39.22 3.37 -0.46
C ALA A 93 38.42 2.32 -1.22
N GLN A 94 37.11 2.51 -1.38
CA GLN A 94 36.30 1.52 -2.06
C GLN A 94 36.10 1.81 -3.54
N ILE A 95 36.69 2.90 -4.05
CA ILE A 95 36.76 3.16 -5.48
C ILE A 95 38.04 2.49 -5.97
N LYS A 96 37.89 1.34 -6.62
CA LYS A 96 39.03 0.55 -7.03
C LYS A 96 39.11 0.50 -8.56
N SER A 97 40.33 0.47 -9.07
CA SER A 97 40.56 0.62 -10.50
C SER A 97 40.32 -0.66 -11.30
N GLU A 98 40.24 -1.83 -10.67
CA GLU A 98 39.95 -3.03 -11.43
C GLU A 98 38.57 -2.89 -12.05
N LEU A 99 38.47 -3.18 -13.35
CA LEU A 99 37.27 -2.86 -14.12
C LEU A 99 36.26 -4.00 -14.01
N THR A 100 35.69 -4.14 -12.82
CA THR A 100 34.68 -5.15 -12.54
C THR A 100 33.35 -4.47 -12.24
N PHE A 101 32.27 -5.22 -12.45
CA PHE A 101 30.93 -4.70 -12.19
C PHE A 101 30.73 -4.41 -10.70
N GLU A 102 31.37 -5.20 -9.82
CA GLU A 102 31.28 -4.93 -8.39
C GLU A 102 31.94 -3.60 -8.05
N ASN A 103 33.13 -3.35 -8.60
CA ASN A 103 33.80 -2.09 -8.33
C ASN A 103 33.00 -0.91 -8.90
N ALA A 104 32.31 -1.12 -10.01
CA ALA A 104 31.45 -0.06 -10.53
C ALA A 104 30.30 0.23 -9.58
N ARG A 105 29.69 -0.81 -9.02
CA ARG A 105 28.60 -0.57 -8.06
C ARG A 105 29.11 0.13 -6.80
N LEU A 106 30.32 -0.24 -6.36
CA LEU A 106 30.90 0.43 -5.20
C LEU A 106 31.20 1.90 -5.50
N ALA A 107 31.69 2.18 -6.71
CA ALA A 107 31.94 3.57 -7.10
C ALA A 107 30.65 4.36 -7.17
N GLY A 108 29.55 3.73 -7.59
CA GLY A 108 28.28 4.44 -7.60
C GLY A 108 27.78 4.73 -6.20
N GLU A 109 28.00 3.79 -5.27
CA GLU A 109 27.66 4.05 -3.87
C GLU A 109 28.46 5.21 -3.32
N ALA A 110 29.76 5.24 -3.62
CA ALA A 110 30.59 6.35 -3.15
C ALA A 110 30.17 7.66 -3.77
N THR A 111 29.68 7.64 -5.02
CA THR A 111 29.18 8.85 -5.64
C THR A 111 27.92 9.35 -4.95
N TRP A 112 27.05 8.44 -4.53
CA TRP A 112 25.90 8.87 -3.73
C TRP A 112 26.35 9.48 -2.41
N TYR A 113 27.36 8.89 -1.78
CA TYR A 113 27.84 9.44 -0.52
C TYR A 113 28.39 10.85 -0.72
N ALA A 114 29.17 11.03 -1.79
CA ALA A 114 29.76 12.34 -2.05
C ALA A 114 28.69 13.38 -2.34
N ALA A 115 27.69 13.02 -3.13
CA ALA A 115 26.63 13.99 -3.43
C ALA A 115 25.86 14.36 -2.18
N GLU A 116 25.63 13.38 -1.29
CA GLU A 116 24.95 13.66 -0.03
C GLU A 116 25.74 14.63 0.83
N ILE A 117 27.06 14.43 0.88
CA ILE A 117 27.90 15.33 1.67
C ILE A 117 27.92 16.73 1.04
N ILE A 118 27.99 16.80 -0.29
CA ILE A 118 28.04 18.10 -0.96
C ILE A 118 26.75 18.86 -0.72
N GLU A 119 25.62 18.15 -0.72
CA GLU A 119 24.35 18.82 -0.47
C GLU A 119 24.27 19.32 0.97
N ALA A 120 24.71 18.52 1.94
CA ALA A 120 24.66 18.99 3.32
C ALA A 120 25.56 20.20 3.54
N LEU A 121 26.71 20.20 2.86
CA LEU A 121 27.56 21.38 2.92
C LEU A 121 26.87 22.58 2.27
N ARG A 122 26.10 22.34 1.21
CA ARG A 122 25.32 23.42 0.61
C ARG A 122 24.32 23.99 1.62
N TYR A 123 23.77 23.13 2.46
CA TYR A 123 22.80 23.57 3.44
C TYR A 123 23.45 24.23 4.64
N LEU A 124 24.78 24.17 4.74
CA LEU A 124 25.43 24.97 5.77
C LEU A 124 24.99 26.44 5.73
N LYS A 125 24.65 26.96 4.55
CA LYS A 125 24.22 28.34 4.42
C LYS A 125 22.70 28.51 4.44
N HIS A 126 21.95 27.42 4.63
CA HIS A 126 20.49 27.51 4.62
C HIS A 126 19.98 27.94 5.98
N THR A 127 19.06 28.90 5.98
CA THR A 127 18.24 29.25 7.13
C THR A 127 16.81 29.38 6.64
N PRO A 128 15.82 29.14 7.50
CA PRO A 128 14.44 29.42 7.08
C PRO A 128 14.23 30.87 6.66
N GLU A 129 14.91 31.82 7.29
CA GLU A 129 14.80 33.21 6.87
C GLU A 129 15.43 33.46 5.50
N ASN A 130 16.50 32.73 5.17
CA ASN A 130 17.20 32.90 3.89
C ASN A 130 17.41 31.53 3.24
N PRO A 131 16.35 30.91 2.76
CA PRO A 131 16.49 29.57 2.18
C PRO A 131 17.39 29.56 0.95
N ILE A 132 18.14 28.46 0.80
CA ILE A 132 18.81 28.18 -0.48
C ILE A 132 17.86 27.54 -1.48
N VAL A 133 16.69 27.09 -1.04
CA VAL A 133 15.66 26.54 -1.92
C VAL A 133 14.62 27.62 -2.17
N VAL A 134 14.28 27.83 -3.43
CA VAL A 134 13.23 28.76 -3.83
C VAL A 134 12.33 28.04 -4.83
N PRO A 135 11.09 28.47 -4.98
CA PRO A 135 10.21 27.85 -5.97
C PRO A 135 10.81 27.96 -7.35
N PRO A 136 10.66 26.94 -8.20
CA PRO A 136 9.87 25.71 -7.96
C PRO A 136 10.65 24.54 -7.37
N TRP A 137 11.94 24.71 -7.10
CA TRP A 137 12.77 23.59 -6.68
C TRP A 137 12.50 23.20 -5.24
N THR A 138 12.68 21.91 -4.95
CA THR A 138 12.51 21.39 -3.60
C THR A 138 13.79 21.28 -2.80
N GLY A 139 14.92 20.97 -3.44
CA GLY A 139 16.11 20.64 -2.68
C GLY A 139 15.86 19.37 -1.88
N PHE A 140 16.43 19.32 -0.68
CA PHE A 140 16.15 18.21 0.21
C PHE A 140 14.68 18.24 0.63
N ILE A 141 14.03 17.09 0.58
CA ILE A 141 12.60 16.98 0.90
C ILE A 141 12.45 16.51 2.33
N GLY A 142 11.58 17.17 3.08
CA GLY A 142 11.47 16.90 4.50
C GLY A 142 10.82 15.57 4.80
N ASP A 143 11.05 15.10 6.03
CA ASP A 143 10.50 13.83 6.48
C ASP A 143 8.99 13.74 6.34
N PRO A 144 8.20 14.75 6.71
CA PRO A 144 6.73 14.57 6.66
C PRO A 144 6.22 14.20 5.26
N VAL A 145 6.84 14.74 4.21
CA VAL A 145 6.45 14.35 2.86
C VAL A 145 6.79 12.88 2.63
N VAL A 146 7.91 12.43 3.21
CA VAL A 146 8.33 11.06 3.03
C VAL A 146 7.34 10.12 3.71
N ARG A 147 6.94 10.44 4.94
CA ARG A 147 5.88 9.66 5.56
C ARG A 147 4.69 9.56 4.61
N GLN A 148 4.11 10.74 4.31
CA GLN A 148 2.79 10.79 3.70
C GLN A 148 2.76 10.07 2.36
N TYR A 149 3.81 10.23 1.53
CA TYR A 149 3.76 9.66 0.19
C TYR A 149 4.60 8.40 0.03
N GLY A 150 5.68 8.23 0.79
CA GLY A 150 6.44 7.01 0.68
C GLY A 150 5.73 5.80 1.25
N ILE A 151 4.77 6.00 2.16
CA ILE A 151 3.97 4.84 2.54
C ILE A 151 3.22 4.30 1.31
N LYS A 152 2.68 5.19 0.49
CA LYS A 152 2.05 4.78 -0.76
C LYS A 152 3.09 4.27 -1.76
N MET A 153 4.31 4.78 -1.66
CA MET A 153 5.38 4.30 -2.54
C MET A 153 5.69 2.83 -2.28
N VAL A 154 5.65 2.40 -1.02
CA VAL A 154 6.06 1.03 -0.71
C VAL A 154 4.92 0.02 -0.69
N ASP A 155 3.68 0.46 -0.49
CA ASP A 155 2.53 -0.42 -0.64
C ASP A 155 2.09 -0.53 -2.10
N TRP A 156 2.77 0.18 -3.00
CA TRP A 156 2.59 0.12 -4.45
C TRP A 156 1.30 0.77 -4.92
N THR A 157 0.60 1.52 -4.07
CA THR A 157 -0.51 2.34 -4.57
C THR A 157 0.01 3.38 -5.55
N ILE A 158 1.26 3.79 -5.41
CA ILE A 158 2.00 4.49 -6.45
C ILE A 158 2.75 3.42 -7.25
N PRO A 159 2.44 3.23 -8.53
CA PRO A 159 3.00 2.08 -9.25
C PRO A 159 4.52 2.05 -9.30
N GLY A 160 5.17 3.21 -9.33
CA GLY A 160 6.61 3.24 -9.44
C GLY A 160 7.12 4.66 -9.33
N GLU A 161 8.44 4.80 -9.50
CA GLU A 161 9.10 6.08 -9.38
C GLU A 161 10.08 6.25 -10.53
N ALA A 162 10.12 7.44 -11.10
CA ALA A 162 10.99 7.75 -12.23
C ALA A 162 11.95 8.86 -11.83
N ILE A 163 13.24 8.56 -11.87
CA ILE A 163 14.29 9.52 -11.58
C ILE A 163 14.84 10.00 -12.92
N ILE A 164 14.53 11.23 -13.29
CA ILE A 164 14.89 11.77 -14.59
C ILE A 164 15.98 12.83 -14.40
N ILE A 165 17.16 12.56 -14.97
CA ILE A 165 18.27 13.51 -14.96
C ILE A 165 18.65 13.83 -16.39
N GLY A 166 19.19 15.04 -16.60
CA GLY A 166 19.56 15.50 -17.93
C GLY A 166 18.44 16.27 -18.63
N ARG A 167 18.42 16.24 -19.97
CA ARG A 167 17.35 16.85 -20.74
C ARG A 167 16.83 15.89 -21.80
N ALA A 168 15.55 16.04 -22.11
CA ALA A 168 14.96 15.39 -23.25
C ALA A 168 15.40 16.08 -24.54
N LYS A 169 15.25 15.37 -25.65
CA LYS A 169 15.74 15.88 -26.93
C LYS A 169 15.11 17.23 -27.27
N ASP A 170 13.88 17.47 -26.84
CA ASP A 170 13.21 18.75 -27.04
C ASP A 170 12.12 18.88 -25.98
N SER A 171 11.67 20.12 -25.78
CA SER A 171 10.75 20.38 -24.67
C SER A 171 9.45 19.60 -24.82
N LYS A 172 8.95 19.46 -26.05
CA LYS A 172 7.70 18.72 -26.23
C LYS A 172 7.89 17.22 -26.01
N ALA A 173 9.07 16.68 -26.30
CA ALA A 173 9.31 15.27 -25.98
C ALA A 173 9.37 15.05 -24.47
N ALA A 174 9.94 16.02 -23.74
CA ALA A 174 9.91 15.94 -22.29
C ALA A 174 8.49 16.00 -21.78
N LYS A 175 7.68 16.92 -22.32
CA LYS A 175 6.29 17.01 -21.89
C LYS A 175 5.54 15.73 -22.22
N LYS A 176 5.88 15.09 -23.35
CA LYS A 176 5.17 13.88 -23.74
C LYS A 176 5.48 12.74 -22.77
N ILE A 177 6.76 12.43 -22.55
CA ILE A 177 7.05 11.32 -21.64
C ILE A 177 6.65 11.65 -20.20
N VAL A 178 6.73 12.92 -19.79
CA VAL A 178 6.41 13.24 -18.41
C VAL A 178 4.91 13.26 -18.16
N ASP A 179 4.12 13.77 -19.12
CA ASP A 179 2.68 13.64 -18.99
C ASP A 179 2.27 12.18 -19.02
N ASP A 180 2.98 11.36 -19.80
CA ASP A 180 2.67 9.94 -19.78
C ASP A 180 2.94 9.32 -18.42
N LEU A 181 4.07 9.66 -17.80
CA LEU A 181 4.42 9.04 -16.53
C LEU A 181 3.52 9.54 -15.40
N MET A 182 3.27 10.86 -15.34
CA MET A 182 2.39 11.39 -14.31
C MET A 182 0.96 10.92 -14.50
N GLY A 183 0.55 10.64 -15.75
CA GLY A 183 -0.79 10.12 -15.97
C GLY A 183 -0.94 8.66 -15.56
N LYS A 184 0.17 7.92 -15.58
CA LYS A 184 0.19 6.55 -15.09
C LYS A 184 0.41 6.48 -13.57
N GLY A 185 0.52 7.64 -12.92
CA GLY A 185 0.57 7.72 -11.47
C GLY A 185 1.93 7.62 -10.84
N LEU A 186 2.99 7.44 -11.62
CA LEU A 186 4.32 7.31 -11.05
C LEU A 186 4.77 8.61 -10.39
N MET A 187 5.45 8.48 -9.26
CA MET A 187 6.15 9.61 -8.67
C MET A 187 7.38 9.95 -9.50
N LEU A 188 7.71 11.23 -9.57
CA LEU A 188 8.81 11.70 -10.41
C LEU A 188 9.79 12.52 -9.58
N PHE A 189 11.08 12.20 -9.74
CA PHE A 189 12.17 13.03 -9.25
C PHE A 189 12.88 13.60 -10.47
N LEU A 190 12.88 14.93 -10.58
CA LEU A 190 13.45 15.62 -11.74
C LEU A 190 14.72 16.34 -11.30
N CYS A 191 15.79 16.17 -12.07
CA CYS A 191 17.03 16.86 -11.81
C CYS A 191 17.55 17.46 -13.10
N ASP A 192 18.09 18.67 -12.98
CA ASP A 192 18.74 19.39 -14.09
C ASP A 192 17.74 20.05 -15.03
N GLU A 193 18.24 20.39 -16.21
CA GLU A 193 17.58 21.18 -17.24
C GLU A 193 16.23 20.63 -17.70
N ILE A 194 15.91 19.36 -17.46
CA ILE A 194 14.58 18.88 -17.86
C ILE A 194 13.49 19.65 -17.14
N ILE A 195 13.80 20.16 -15.94
CA ILE A 195 12.82 20.96 -15.19
C ILE A 195 12.42 22.18 -16.01
N GLU A 196 13.40 22.91 -16.52
CA GLU A 196 13.10 24.11 -17.32
C GLU A 196 12.38 23.74 -18.61
N GLN A 197 12.72 22.59 -19.20
CA GLN A 197 12.02 22.14 -20.39
C GLN A 197 10.53 21.94 -20.11
N LEU A 198 10.21 21.24 -19.03
CA LEU A 198 8.81 21.04 -18.69
C LEU A 198 8.13 22.34 -18.31
N LEU A 199 8.86 23.27 -17.67
CA LEU A 199 8.22 24.49 -17.21
C LEU A 199 7.88 25.43 -18.37
N GLU A 200 8.75 25.50 -19.37
CA GLU A 200 8.40 26.29 -20.55
C GLU A 200 7.25 25.67 -21.32
N GLU A 201 7.01 24.37 -21.15
CA GLU A 201 5.85 23.69 -21.70
C GLU A 201 4.62 23.77 -20.79
N ASN A 202 4.71 24.51 -19.68
CA ASN A 202 3.57 24.77 -18.79
C ASN A 202 2.99 23.51 -18.15
N VAL A 203 3.85 22.55 -17.82
CA VAL A 203 3.43 21.39 -17.04
C VAL A 203 3.42 21.79 -15.56
N LYS A 204 2.28 21.58 -14.88
CA LYS A 204 2.30 21.76 -13.43
C LYS A 204 3.29 20.76 -12.84
N LEU A 205 4.00 21.16 -11.80
CA LEU A 205 4.88 20.27 -11.08
C LEU A 205 4.88 20.69 -9.62
N GLY A 206 5.24 19.76 -8.74
CA GLY A 206 5.39 20.08 -7.34
C GLY A 206 5.06 18.90 -6.46
N VAL A 207 5.17 19.12 -5.15
CA VAL A 207 4.92 18.08 -4.17
C VAL A 207 3.46 17.61 -4.23
N ASP A 208 2.55 18.54 -4.51
CA ASP A 208 1.14 18.16 -4.61
C ASP A 208 0.90 17.25 -5.80
N TYR A 209 1.75 17.33 -6.82
CA TYR A 209 1.69 16.46 -8.00
C TYR A 209 2.69 15.32 -7.93
N ILE A 210 3.38 15.15 -6.80
CA ILE A 210 4.44 14.17 -6.61
C ILE A 210 5.40 14.22 -7.78
N ALA A 211 5.65 15.41 -8.31
CA ALA A 211 6.68 15.66 -9.31
C ALA A 211 7.65 16.66 -8.69
N TYR A 212 8.78 16.18 -8.16
CA TYR A 212 9.68 17.02 -7.40
C TYR A 212 10.78 17.57 -8.29
N PRO A 213 10.86 18.88 -8.51
CA PRO A 213 12.03 19.45 -9.18
C PRO A 213 13.17 19.66 -8.19
N LEU A 214 14.01 18.63 -8.01
CA LEU A 214 15.01 18.68 -6.95
C LEU A 214 16.02 19.81 -7.19
N GLY A 215 16.36 20.07 -8.44
CA GLY A 215 17.44 21.00 -8.76
C GLY A 215 18.35 20.49 -9.85
N ASN A 216 19.66 20.70 -9.68
CA ASN A 216 20.65 20.29 -10.67
C ASN A 216 21.82 19.60 -9.98
N PHE A 217 22.57 18.81 -10.76
CA PHE A 217 23.86 18.27 -10.32
C PHE A 217 23.64 17.45 -9.06
N THR A 218 24.30 17.75 -7.94
CA THR A 218 24.27 16.88 -6.78
C THR A 218 22.89 16.79 -6.16
N GLN A 219 21.99 17.72 -6.50
CA GLN A 219 20.63 17.65 -5.97
C GLN A 219 19.93 16.36 -6.36
N VAL A 220 20.44 15.63 -7.37
CA VAL A 220 19.82 14.36 -7.70
C VAL A 220 19.81 13.44 -6.48
N VAL A 221 20.77 13.61 -5.57
CA VAL A 221 20.87 12.72 -4.41
C VAL A 221 19.62 12.84 -3.53
N HIS A 222 18.87 13.94 -3.66
CA HIS A 222 17.69 14.11 -2.86
C HIS A 222 16.56 13.16 -3.25
N ALA A 223 16.65 12.52 -4.42
CA ALA A 223 15.82 11.33 -4.63
C ALA A 223 16.29 10.19 -3.74
N ALA A 224 17.60 9.92 -3.75
CA ALA A 224 18.13 8.75 -3.07
C ALA A 224 17.82 8.78 -1.58
N ASN A 225 18.13 9.89 -0.91
CA ASN A 225 17.89 9.92 0.53
C ASN A 225 16.41 9.75 0.82
N TYR A 226 15.56 10.33 -0.04
CA TYR A 226 14.12 10.15 0.15
C TYR A 226 13.80 8.67 0.07
N ALA A 227 14.27 8.01 -0.99
CA ALA A 227 14.05 6.57 -1.10
C ALA A 227 14.56 5.86 0.14
N LEU A 228 15.79 6.19 0.56
CA LEU A 228 16.37 5.41 1.65
C LEU A 228 15.65 5.68 2.95
N ARG A 229 15.07 6.88 3.10
CA ARG A 229 14.33 7.13 4.33
C ARG A 229 13.16 6.17 4.45
N ALA A 230 12.59 5.76 3.32
CA ALA A 230 11.52 4.77 3.36
C ALA A 230 11.98 3.54 4.13
N GLY A 231 13.17 3.03 3.80
CA GLY A 231 13.65 1.84 4.48
C GLY A 231 13.95 2.09 5.94
N LEU A 232 14.40 3.31 6.26
CA LEU A 232 14.63 3.65 7.66
C LEU A 232 13.32 3.83 8.42
N MET A 233 12.24 4.14 7.72
CA MET A 233 11.02 4.65 8.33
C MET A 233 9.93 3.59 8.38
N PHE A 234 9.56 3.02 7.23
CA PHE A 234 8.53 2.00 7.18
C PHE A 234 9.11 0.59 7.29
N GLY A 235 10.29 0.36 6.71
CA GLY A 235 10.90 -0.95 6.79
C GLY A 235 11.50 -1.28 8.14
N GLY A 236 11.76 -0.27 8.95
CA GLY A 236 12.31 -0.50 10.27
C GLY A 236 13.74 -1.00 10.28
N ILE A 237 14.42 -0.97 9.13
CA ILE A 237 15.75 -1.54 9.05
C ILE A 237 16.73 -0.66 9.82
N ALA A 238 17.63 -1.31 10.56
CA ALA A 238 18.54 -0.56 11.42
C ALA A 238 19.55 0.21 10.58
N PRO A 239 20.00 1.37 11.07
CA PRO A 239 21.07 2.09 10.35
C PRO A 239 22.30 1.21 10.22
N GLY A 240 22.92 1.27 9.05
CA GLY A 240 24.14 0.54 8.77
C GLY A 240 23.98 -0.88 8.27
N LEU A 241 22.76 -1.38 8.13
CA LEU A 241 22.54 -2.72 7.57
C LEU A 241 22.46 -2.58 6.06
N ARG A 242 23.63 -2.56 5.42
CA ARG A 242 23.71 -2.11 4.04
C ARG A 242 22.89 -3.00 3.11
N ASP A 243 23.19 -4.30 3.10
CA ASP A 243 22.52 -5.19 2.16
C ASP A 243 21.03 -5.33 2.47
N ALA A 244 20.64 -5.20 3.75
CA ALA A 244 19.22 -5.21 4.06
C ALA A 244 18.52 -4.01 3.44
N HIS A 245 19.16 -2.84 3.51
CA HIS A 245 18.57 -1.66 2.89
C HIS A 245 18.54 -1.80 1.37
N ARG A 246 19.59 -2.39 0.78
CA ARG A 246 19.59 -2.59 -0.66
C ARG A 246 18.47 -3.52 -1.08
N ASP A 247 18.30 -4.62 -0.34
CA ASP A 247 17.24 -5.56 -0.68
C ASP A 247 15.87 -4.92 -0.51
N TYR A 248 15.68 -4.10 0.53
CA TYR A 248 14.40 -3.43 0.71
C TYR A 248 14.13 -2.48 -0.43
N GLN A 249 15.17 -1.78 -0.92
CA GLN A 249 14.97 -0.87 -2.04
C GLN A 249 14.60 -1.63 -3.30
N ARG A 250 15.33 -2.72 -3.58
CA ARG A 250 15.03 -3.51 -4.77
C ARG A 250 13.63 -4.11 -4.72
N ARG A 251 13.17 -4.45 -3.51
CA ARG A 251 11.96 -5.22 -3.28
C ARG A 251 10.72 -4.35 -3.23
N ARG A 252 10.84 -3.14 -2.70
CA ARG A 252 9.70 -2.31 -2.37
C ARG A 252 9.65 -1.00 -3.14
N VAL A 253 10.79 -0.42 -3.49
CA VAL A 253 10.84 0.88 -4.16
C VAL A 253 11.06 0.60 -5.64
N LEU A 254 9.97 0.68 -6.42
CA LEU A 254 10.01 0.36 -7.84
C LEU A 254 10.44 1.59 -8.64
N ALA A 255 11.72 1.93 -8.48
CA ALA A 255 12.31 3.11 -9.09
C ALA A 255 13.25 2.73 -10.23
N PHE A 256 13.41 3.66 -11.16
CA PHE A 256 14.31 3.49 -12.29
C PHE A 256 14.79 4.88 -12.69
N VAL A 257 15.93 4.91 -13.38
CA VAL A 257 16.53 6.17 -13.82
C VAL A 257 16.32 6.32 -15.32
N LEU A 258 15.83 7.49 -15.72
CA LEU A 258 15.81 7.91 -17.12
C LEU A 258 16.95 8.91 -17.29
N TYR A 259 18.01 8.48 -17.97
CA TYR A 259 19.24 9.25 -18.15
C TYR A 259 19.21 9.82 -19.56
N LEU A 260 18.65 11.02 -19.68
CA LEU A 260 18.40 11.67 -20.97
C LEU A 260 19.43 12.74 -21.27
N GLY A 261 19.72 12.92 -22.56
CA GLY A 261 20.67 13.93 -22.97
C GLY A 261 22.11 13.43 -22.94
N GLU A 262 23.01 14.36 -23.21
CA GLU A 262 24.42 14.01 -23.31
C GLU A 262 24.94 13.49 -21.96
N HIS A 263 25.71 12.41 -22.03
CA HIS A 263 26.29 11.82 -20.84
C HIS A 263 27.46 12.65 -20.33
N ASP A 264 27.64 12.62 -19.01
CA ASP A 264 28.84 13.15 -18.36
C ASP A 264 29.16 12.23 -17.19
N MET A 265 30.43 12.22 -16.80
CA MET A 265 30.92 11.14 -15.95
C MET A 265 30.25 11.13 -14.58
N VAL A 266 29.92 12.30 -14.04
CA VAL A 266 29.32 12.35 -12.70
C VAL A 266 27.89 11.82 -12.73
N LYS A 267 27.12 12.22 -13.75
CA LYS A 267 25.78 11.68 -13.88
C LYS A 267 25.82 10.17 -14.05
N THR A 268 26.80 9.67 -14.79
CA THR A 268 26.90 8.23 -15.00
C THR A 268 27.26 7.51 -13.71
N ALA A 269 28.13 8.10 -12.90
CA ALA A 269 28.44 7.50 -11.61
C ALA A 269 27.23 7.50 -10.68
N ALA A 270 26.42 8.55 -10.72
CA ALA A 270 25.21 8.57 -9.90
C ALA A 270 24.22 7.52 -10.38
N ALA A 271 24.10 7.34 -11.70
CA ALA A 271 23.25 6.29 -12.21
C ALA A 271 23.76 4.91 -11.81
N MET A 272 25.09 4.75 -11.75
CA MET A 272 25.64 3.48 -11.29
C MET A 272 25.37 3.26 -9.81
N GLY A 273 25.25 4.33 -9.03
CA GLY A 273 24.84 4.15 -7.64
C GLY A 273 23.39 3.69 -7.53
N ALA A 274 22.54 4.23 -8.42
CA ALA A 274 21.17 3.73 -8.49
C ALA A 274 21.15 2.25 -8.87
N ILE A 275 22.04 1.84 -9.77
CA ILE A 275 22.18 0.42 -10.08
C ILE A 275 22.69 -0.34 -8.86
N PHE A 276 23.54 0.31 -8.06
CA PHE A 276 24.11 -0.33 -6.88
C PHE A 276 23.02 -0.71 -5.89
N THR A 277 21.97 0.09 -5.79
CA THR A 277 20.86 -0.24 -4.92
C THR A 277 19.71 -0.92 -5.66
N GLY A 278 19.92 -1.37 -6.89
CA GLY A 278 18.94 -2.18 -7.60
C GLY A 278 18.01 -1.45 -8.56
N PHE A 279 18.33 -0.22 -8.95
CA PHE A 279 17.46 0.52 -9.87
C PHE A 279 18.05 0.52 -11.27
N PRO A 280 17.36 -0.04 -12.28
CA PRO A 280 17.88 0.00 -13.65
C PRO A 280 17.91 1.40 -14.22
N VAL A 281 18.83 1.62 -15.16
CA VAL A 281 18.97 2.90 -15.84
C VAL A 281 18.62 2.71 -17.32
N ILE A 282 17.76 3.59 -17.83
CA ILE A 282 17.42 3.64 -19.25
C ILE A 282 17.81 5.01 -19.78
N THR A 283 18.59 5.03 -20.86
CA THR A 283 19.05 6.27 -21.47
C THR A 283 18.58 6.36 -22.92
N ASP A 284 18.32 7.59 -23.36
CA ASP A 284 17.94 7.83 -24.75
C ASP A 284 19.12 7.83 -25.70
N GLN A 285 20.35 7.87 -25.18
CA GLN A 285 21.51 7.91 -26.07
C GLN A 285 21.82 6.53 -26.62
N PRO A 286 22.21 6.42 -27.90
CA PRO A 286 22.70 5.13 -28.40
C PRO A 286 23.97 4.72 -27.67
N LEU A 287 24.13 3.42 -27.45
CA LEU A 287 25.29 2.93 -26.72
C LEU A 287 26.01 1.84 -27.48
N PRO A 288 27.34 1.87 -27.53
CA PRO A 288 28.09 0.71 -27.99
C PRO A 288 27.98 -0.44 -26.99
N GLU A 289 28.28 -1.66 -27.44
CA GLU A 289 28.12 -2.79 -26.54
C GLU A 289 29.01 -2.65 -25.30
N ASP A 290 30.17 -2.02 -25.45
CA ASP A 290 31.11 -1.93 -24.34
C ASP A 290 30.79 -0.79 -23.38
N LYS A 291 29.62 -0.17 -23.52
CA LYS A 291 29.15 0.83 -22.57
C LYS A 291 27.70 0.58 -22.18
N GLN A 292 27.36 -0.69 -21.93
CA GLN A 292 25.99 -1.03 -21.56
C GLN A 292 25.99 -2.33 -20.78
N ILE A 293 24.90 -2.57 -20.06
CA ILE A 293 24.70 -3.80 -19.31
C ILE A 293 23.29 -4.31 -19.61
N LYS A 294 23.16 -5.64 -19.63
CA LYS A 294 22.06 -6.27 -20.34
C LYS A 294 20.70 -5.88 -19.78
N ASP A 295 20.60 -5.69 -18.47
CA ASP A 295 19.33 -5.35 -17.84
C ASP A 295 19.44 -4.16 -16.91
N TRP A 296 20.54 -3.40 -16.96
CA TRP A 296 20.81 -2.41 -15.93
C TRP A 296 21.21 -1.05 -16.50
N PHE A 297 21.86 -1.05 -17.67
CA PHE A 297 22.30 0.19 -18.31
C PHE A 297 22.04 0.01 -19.81
N ILE A 298 20.91 0.53 -20.27
CA ILE A 298 20.36 0.15 -21.57
C ILE A 298 19.90 1.40 -22.33
N SER A 299 19.95 1.31 -23.65
CA SER A 299 19.62 2.42 -24.55
C SER A 299 18.25 2.19 -25.16
N GLU A 300 17.40 3.22 -25.11
CA GLU A 300 16.12 3.24 -25.81
C GLU A 300 15.97 4.60 -26.47
N PRO A 301 16.65 4.82 -27.60
CA PRO A 301 16.57 6.13 -28.26
C PRO A 301 15.17 6.55 -28.64
N ASP A 302 14.30 5.60 -29.01
CA ASP A 302 12.95 5.94 -29.46
C ASP A 302 12.13 6.41 -28.27
N TYR A 303 11.77 7.70 -28.26
CA TYR A 303 10.93 8.20 -27.18
C TYR A 303 9.58 7.52 -27.16
N ASP A 304 9.04 7.15 -28.33
CA ASP A 304 7.70 6.57 -28.35
C ASP A 304 7.64 5.30 -27.52
N LYS A 305 8.77 4.61 -27.38
CA LYS A 305 8.84 3.41 -26.58
C LYS A 305 9.44 3.61 -25.19
N ILE A 306 10.11 4.74 -24.94
CA ILE A 306 11.05 4.78 -23.82
C ILE A 306 10.36 4.42 -22.51
N VAL A 307 9.25 5.09 -22.20
CA VAL A 307 8.57 4.84 -20.93
C VAL A 307 8.28 3.35 -20.80
N GLN A 308 7.70 2.76 -21.84
CA GLN A 308 7.33 1.35 -21.77
C GLN A 308 8.53 0.52 -21.36
N THR A 309 9.66 0.73 -22.03
CA THR A 309 10.82 -0.12 -21.75
C THR A 309 11.18 -0.03 -20.28
N ALA A 310 11.16 1.18 -19.72
CA ALA A 310 11.53 1.33 -18.32
C ALA A 310 10.65 0.45 -17.45
N LEU A 311 9.33 0.55 -17.63
CA LEU A 311 8.45 -0.24 -16.78
C LEU A 311 8.73 -1.72 -16.99
N GLU A 312 8.95 -2.13 -18.23
CA GLU A 312 9.17 -3.55 -18.48
C GLU A 312 10.45 -4.03 -17.84
N VAL A 313 11.47 -3.17 -17.78
CA VAL A 313 12.71 -3.63 -17.17
C VAL A 313 12.57 -3.62 -15.64
N ARG A 314 11.71 -2.76 -15.10
CA ARG A 314 11.60 -2.65 -13.65
C ARG A 314 10.63 -3.66 -13.05
N GLY A 315 9.83 -4.33 -13.87
CA GLY A 315 8.77 -5.17 -13.36
C GLY A 315 7.50 -4.42 -13.01
N ILE A 316 7.45 -3.11 -13.25
CA ILE A 316 6.22 -2.36 -12.99
C ILE A 316 5.14 -2.80 -13.98
N LYS A 317 3.91 -2.89 -13.51
CA LYS A 317 2.76 -3.29 -14.32
C LYS A 317 1.68 -2.23 -14.13
N ILE A 318 1.44 -1.42 -15.15
CA ILE A 318 0.56 -0.26 -15.05
C ILE A 318 -0.87 -0.68 -15.38
N THR A 319 -1.81 -0.27 -14.53
CA THR A 319 -3.22 -0.54 -14.75
C THR A 319 -3.85 0.50 -15.67
N SER A 320 -3.47 1.77 -15.52
CA SER A 320 -4.29 2.87 -16.01
C SER A 320 -4.30 2.94 -17.54
N ILE A 321 -5.39 3.50 -18.06
CA ILE A 321 -5.58 3.72 -19.48
C ILE A 321 -6.27 5.07 -19.65
N ASP A 322 -5.71 5.93 -20.50
CA ASP A 322 -6.38 7.19 -20.83
C ASP A 322 -7.65 6.88 -21.62
N ILE A 323 -8.70 7.66 -21.36
CA ILE A 323 -10.01 7.38 -21.93
C ILE A 323 -10.76 8.70 -22.11
N ASP A 324 -11.68 8.72 -23.09
CA ASP A 324 -12.40 9.92 -23.48
C ASP A 324 -13.69 10.03 -22.67
N LEU A 325 -13.68 10.88 -21.65
CA LEU A 325 -14.84 11.09 -20.79
C LEU A 325 -15.12 12.59 -20.67
N PRO A 326 -16.40 12.98 -20.63
CA PRO A 326 -16.69 14.40 -20.34
C PRO A 326 -16.15 14.86 -19.01
N ILE A 327 -16.11 13.98 -18.01
CA ILE A 327 -15.72 14.34 -16.65
C ILE A 327 -14.32 13.82 -16.39
N ASN A 328 -13.50 14.63 -15.73
CA ASN A 328 -12.19 14.18 -15.31
C ASN A 328 -12.33 13.10 -14.24
N PHE A 329 -11.54 12.05 -14.36
CA PHE A 329 -11.60 10.90 -13.47
C PHE A 329 -10.34 10.81 -12.63
N GLY A 330 -10.50 10.69 -11.32
CA GLY A 330 -9.37 10.60 -10.42
C GLY A 330 -9.74 10.03 -9.07
N PRO A 331 -8.83 9.29 -8.45
CA PRO A 331 -9.12 8.73 -7.11
C PRO A 331 -9.42 9.78 -6.05
N ALA A 332 -8.82 10.97 -6.16
CA ALA A 332 -8.89 11.94 -5.06
C ALA A 332 -10.33 12.32 -4.73
N PHE A 333 -11.26 12.17 -5.67
CA PHE A 333 -12.65 12.55 -5.44
C PHE A 333 -13.38 11.65 -4.46
N GLU A 334 -12.85 10.45 -4.17
CA GLU A 334 -13.68 9.43 -3.54
C GLU A 334 -14.20 9.85 -2.18
N GLY A 335 -13.61 10.86 -1.55
CA GLY A 335 -14.15 11.39 -0.31
C GLY A 335 -15.29 12.37 -0.50
N GLU A 336 -15.67 12.65 -1.73
CA GLU A 336 -16.73 13.62 -1.99
C GLU A 336 -18.07 13.10 -1.48
N SER A 337 -18.95 14.02 -1.14
CA SER A 337 -20.30 13.69 -0.70
C SER A 337 -21.26 14.77 -1.19
N ILE A 338 -22.41 14.34 -1.70
CA ILE A 338 -23.49 15.27 -2.04
C ILE A 338 -24.37 15.37 -0.79
N ARG A 339 -23.97 16.25 0.13
CA ARG A 339 -24.74 16.44 1.34
C ARG A 339 -26.14 16.93 0.97
N LYS A 340 -27.06 16.79 1.93
CA LYS A 340 -28.48 16.91 1.59
C LYS A 340 -28.81 18.27 0.97
N GLY A 341 -28.00 19.30 1.27
CA GLY A 341 -28.16 20.57 0.58
C GLY A 341 -27.89 20.44 -0.91
N ASP A 342 -27.06 19.47 -1.31
CA ASP A 342 -26.59 19.36 -2.69
C ASP A 342 -26.95 18.02 -3.36
N MET A 343 -27.82 17.21 -2.76
CA MET A 343 -28.23 15.98 -3.43
C MET A 343 -28.91 16.34 -4.75
N HIS A 344 -28.63 15.56 -5.78
CA HIS A 344 -29.31 15.79 -7.05
C HIS A 344 -30.32 14.68 -7.34
N VAL A 345 -29.81 13.53 -7.78
CA VAL A 345 -30.65 12.41 -8.21
C VAL A 345 -30.21 11.17 -7.45
N GLU A 346 -30.70 11.02 -6.23
CA GLU A 346 -30.32 9.89 -5.39
C GLU A 346 -31.10 8.64 -5.78
N PHE A 347 -30.44 7.49 -5.69
CA PHE A 347 -31.06 6.19 -5.92
C PHE A 347 -30.86 5.31 -4.68
N GLY A 348 -31.91 4.58 -4.32
CA GLY A 348 -31.83 3.61 -3.26
C GLY A 348 -32.02 4.21 -1.88
N GLY A 349 -32.34 3.36 -0.92
CA GLY A 349 -32.31 3.71 0.49
C GLY A 349 -33.55 4.40 1.00
N GLY A 350 -34.40 4.91 0.13
CA GLY A 350 -35.69 5.44 0.51
C GLY A 350 -36.76 4.41 0.26
N LYS A 351 -36.33 3.15 0.17
CA LYS A 351 -37.11 2.06 -0.40
C LYS A 351 -37.43 2.33 -1.88
N THR A 352 -36.61 3.16 -2.52
CA THR A 352 -36.61 3.30 -3.97
C THR A 352 -35.72 2.22 -4.57
N PRO A 353 -36.24 1.41 -5.51
CA PRO A 353 -35.52 0.18 -5.85
C PRO A 353 -34.14 0.45 -6.41
N SER A 354 -33.20 -0.43 -6.06
CA SER A 354 -31.82 -0.31 -6.50
C SER A 354 -31.12 -1.65 -6.31
N PHE A 355 -30.17 -1.94 -7.20
CA PHE A 355 -29.40 -3.17 -7.07
C PHE A 355 -28.19 -3.10 -7.98
N GLU A 356 -27.24 -4.02 -7.74
CA GLU A 356 -26.01 -4.11 -8.52
C GLU A 356 -25.58 -5.57 -8.56
N LEU A 357 -24.89 -5.94 -9.64
CA LEU A 357 -24.47 -7.32 -9.81
C LEU A 357 -23.34 -7.41 -10.82
N VAL A 358 -22.45 -8.37 -10.58
CA VAL A 358 -21.48 -8.84 -11.56
C VAL A 358 -21.81 -10.29 -11.86
N ARG A 359 -21.60 -10.71 -13.10
CA ARG A 359 -22.00 -12.03 -13.54
C ARG A 359 -21.07 -12.53 -14.63
N MET A 360 -20.65 -13.78 -14.51
CA MET A 360 -19.85 -14.45 -15.54
C MET A 360 -20.77 -14.96 -16.65
N VAL A 361 -20.20 -15.09 -17.85
CA VAL A 361 -20.94 -15.45 -19.05
C VAL A 361 -20.04 -16.28 -19.96
N GLY A 362 -20.64 -16.84 -21.00
CA GLY A 362 -19.90 -17.55 -22.03
C GLY A 362 -19.28 -16.63 -23.04
N PRO A 363 -18.49 -17.19 -23.95
CA PRO A 363 -17.66 -16.36 -24.82
C PRO A 363 -18.37 -15.73 -26.00
N ASP A 364 -19.07 -16.55 -26.81
CA ASP A 364 -19.56 -16.12 -28.10
C ASP A 364 -21.02 -15.65 -28.09
N GLU A 365 -21.65 -15.56 -26.91
CA GLU A 365 -23.00 -15.02 -26.81
C GLU A 365 -23.04 -13.53 -26.48
N ILE A 366 -21.89 -12.89 -26.31
CA ILE A 366 -21.83 -11.45 -26.00
C ILE A 366 -20.52 -10.92 -26.55
N GLU A 367 -20.51 -9.62 -26.88
CA GLU A 367 -19.42 -9.00 -27.60
C GLU A 367 -18.72 -7.94 -26.72
N ASP A 368 -17.43 -7.76 -26.98
CA ASP A 368 -16.63 -6.82 -26.22
C ASP A 368 -17.15 -5.39 -26.42
N GLY A 369 -17.16 -4.63 -25.34
CA GLY A 369 -17.43 -3.22 -25.42
C GLY A 369 -18.89 -2.84 -25.46
N LYS A 370 -19.80 -3.80 -25.38
CA LYS A 370 -21.22 -3.44 -25.36
C LYS A 370 -21.49 -2.59 -24.12
N VAL A 371 -22.19 -1.47 -24.33
CA VAL A 371 -22.47 -0.52 -23.25
C VAL A 371 -23.85 0.05 -23.51
N GLU A 372 -24.87 -0.51 -22.87
CA GLU A 372 -26.24 -0.05 -23.09
C GLU A 372 -26.83 0.59 -21.85
N VAL A 373 -27.60 1.65 -22.06
CA VAL A 373 -28.36 2.34 -21.01
C VAL A 373 -29.82 2.20 -21.40
N ILE A 374 -30.52 1.24 -20.79
CA ILE A 374 -31.95 1.06 -21.04
C ILE A 374 -32.73 2.14 -20.30
N GLY A 375 -33.86 2.52 -20.88
CA GLY A 375 -34.80 3.40 -20.23
C GLY A 375 -34.32 4.83 -20.16
N PRO A 376 -34.95 5.63 -19.29
CA PRO A 376 -34.57 7.05 -19.20
C PRO A 376 -33.13 7.20 -18.74
N ASP A 377 -32.47 8.23 -19.27
CA ASP A 377 -31.15 8.63 -18.80
C ASP A 377 -31.36 9.64 -17.66
N ILE A 378 -30.33 10.42 -17.32
CA ILE A 378 -30.48 11.42 -16.26
C ILE A 378 -31.22 12.66 -16.75
N ASP A 379 -31.53 12.74 -18.05
CA ASP A 379 -32.16 13.91 -18.62
C ASP A 379 -33.57 14.14 -18.09
N SER A 380 -34.18 13.13 -17.46
CA SER A 380 -35.61 13.11 -17.22
C SER A 380 -36.03 13.68 -15.86
N VAL A 381 -35.21 14.50 -15.21
CA VAL A 381 -35.56 14.97 -13.88
C VAL A 381 -35.02 16.36 -13.59
N GLU A 382 -35.80 17.11 -12.80
CA GLU A 382 -35.40 18.37 -12.20
C GLU A 382 -34.44 18.10 -11.03
N PRO A 383 -33.68 19.11 -10.60
CA PRO A 383 -32.79 18.87 -9.45
C PRO A 383 -33.56 18.44 -8.22
N GLY A 384 -32.95 17.54 -7.45
CA GLY A 384 -33.58 16.96 -6.27
C GLY A 384 -34.40 15.71 -6.49
N GLY A 385 -34.34 15.11 -7.67
CA GLY A 385 -35.20 13.99 -8.01
C GLY A 385 -34.64 12.64 -7.55
N ARG A 386 -35.33 11.58 -7.97
CA ARG A 386 -34.98 10.23 -7.55
C ARG A 386 -35.60 9.21 -8.50
N LEU A 387 -34.78 8.29 -8.99
CA LEU A 387 -35.18 7.21 -9.89
C LEU A 387 -34.65 5.89 -9.33
N PRO A 388 -35.25 4.77 -9.71
CA PRO A 388 -34.67 3.47 -9.37
C PRO A 388 -33.63 3.04 -10.41
N ILE A 389 -32.60 2.35 -9.93
CA ILE A 389 -31.44 2.03 -10.77
C ILE A 389 -31.03 0.58 -10.56
N GLY A 390 -30.68 -0.08 -11.66
CA GLY A 390 -30.10 -1.41 -11.60
C GLY A 390 -28.98 -1.53 -12.60
N ILE A 391 -28.04 -2.43 -12.31
CA ILE A 391 -26.82 -2.54 -13.10
C ILE A 391 -26.54 -4.01 -13.39
N VAL A 392 -25.85 -4.26 -14.51
CA VAL A 392 -25.36 -5.59 -14.85
C VAL A 392 -24.01 -5.41 -15.53
N VAL A 393 -23.00 -6.12 -15.04
CA VAL A 393 -21.65 -6.10 -15.58
C VAL A 393 -21.33 -7.54 -15.96
N ASP A 394 -21.37 -7.86 -17.25
CA ASP A 394 -21.14 -9.21 -17.74
C ASP A 394 -19.68 -9.35 -18.18
N ILE A 395 -19.08 -10.50 -17.85
CA ILE A 395 -17.66 -10.73 -18.07
C ILE A 395 -17.46 -12.11 -18.64
N TYR A 396 -16.68 -12.21 -19.72
CA TYR A 396 -16.08 -13.46 -20.15
C TYR A 396 -14.57 -13.33 -20.04
N GLY A 397 -13.93 -14.40 -19.57
CA GLY A 397 -12.49 -14.46 -19.52
C GLY A 397 -12.03 -15.87 -19.75
N ARG A 398 -10.85 -16.01 -20.35
CA ARG A 398 -10.31 -17.34 -20.62
C ARG A 398 -10.04 -18.09 -19.31
N LYS A 399 -9.77 -17.36 -18.23
CA LYS A 399 -9.50 -17.94 -16.93
C LYS A 399 -10.59 -17.66 -15.90
N MET A 400 -11.66 -16.95 -16.29
CA MET A 400 -12.63 -16.46 -15.32
C MET A 400 -13.33 -17.61 -14.61
N GLN A 401 -13.68 -17.36 -13.35
CA GLN A 401 -14.39 -18.31 -12.51
C GLN A 401 -15.56 -17.60 -11.86
N GLU A 402 -16.57 -18.39 -11.48
CA GLU A 402 -17.65 -17.84 -10.68
C GLU A 402 -17.11 -17.35 -9.33
N ASP A 403 -16.04 -17.97 -8.84
CA ASP A 403 -15.46 -17.56 -7.56
C ASP A 403 -15.09 -16.09 -7.56
N PHE A 404 -14.67 -15.56 -8.70
CA PHE A 404 -14.24 -14.17 -8.77
C PHE A 404 -15.40 -13.18 -8.74
N GLU A 405 -16.63 -13.63 -8.99
CA GLU A 405 -17.71 -12.66 -9.16
C GLU A 405 -17.87 -11.73 -7.97
N PRO A 406 -18.00 -12.21 -6.73
CA PRO A 406 -18.14 -11.26 -5.61
C PRO A 406 -16.98 -10.30 -5.48
N VAL A 407 -15.76 -10.76 -5.75
CA VAL A 407 -14.59 -9.91 -5.55
C VAL A 407 -14.65 -8.72 -6.47
N LEU A 408 -15.24 -8.88 -7.65
CA LEU A 408 -15.41 -7.77 -8.57
C LEU A 408 -16.54 -6.84 -8.15
N GLU A 409 -17.60 -7.37 -7.53
CA GLU A 409 -18.75 -6.50 -7.22
C GLU A 409 -18.34 -5.37 -6.29
N ARG A 410 -17.58 -5.68 -5.24
CA ARG A 410 -17.21 -4.60 -4.33
C ARG A 410 -16.44 -3.52 -5.07
N ARG A 411 -15.71 -3.89 -6.13
CA ARG A 411 -14.93 -2.89 -6.85
C ARG A 411 -15.83 -1.81 -7.46
N ILE A 412 -17.06 -2.16 -7.86
CA ILE A 412 -17.88 -1.12 -8.49
C ILE A 412 -18.08 0.02 -7.51
N HIS A 413 -18.17 -0.29 -6.21
CA HIS A 413 -18.21 0.77 -5.20
C HIS A 413 -17.13 1.76 -5.56
N TYR A 414 -15.87 1.35 -5.40
CA TYR A 414 -14.76 2.24 -5.66
C TYR A 414 -14.88 2.86 -7.04
N PHE A 415 -15.21 2.04 -8.05
CA PHE A 415 -15.22 2.55 -9.42
C PHE A 415 -16.15 3.75 -9.53
N THR A 416 -17.34 3.65 -8.92
CA THR A 416 -18.31 4.72 -9.11
C THR A 416 -17.86 6.02 -8.49
N ASN A 417 -17.08 5.97 -7.40
CA ASN A 417 -16.61 7.20 -6.77
C ASN A 417 -15.31 7.70 -7.40
N TYR A 418 -14.87 7.04 -8.47
CA TYR A 418 -13.60 7.39 -9.11
C TYR A 418 -13.66 8.70 -9.88
N GLY A 419 -14.86 9.26 -10.10
CA GLY A 419 -15.01 10.50 -10.83
C GLY A 419 -15.86 11.50 -10.07
N GLU A 420 -15.88 12.72 -10.58
CA GLU A 420 -16.68 13.79 -9.97
C GLU A 420 -18.17 13.47 -10.06
N GLY A 421 -18.90 13.83 -9.00
CA GLY A 421 -20.34 13.81 -9.06
C GLY A 421 -20.99 12.46 -8.89
N PHE A 422 -20.20 11.43 -8.57
CA PHE A 422 -20.72 10.08 -8.35
C PHE A 422 -20.45 9.68 -6.91
N TRP A 423 -21.43 9.02 -6.31
CA TRP A 423 -21.39 8.71 -4.88
C TRP A 423 -22.17 7.41 -4.68
N HIS A 424 -21.47 6.36 -4.28
CA HIS A 424 -22.08 5.06 -4.02
C HIS A 424 -21.52 4.51 -2.73
N THR A 425 -22.42 4.20 -1.80
CA THR A 425 -22.07 3.53 -0.55
C THR A 425 -22.95 2.29 -0.43
N ALA A 426 -22.48 1.32 0.34
CA ALA A 426 -23.17 0.04 0.46
C ALA A 426 -23.05 -0.75 -0.83
N GLN A 427 -23.93 -1.72 -1.04
CA GLN A 427 -23.75 -2.70 -2.11
C GLN A 427 -25.09 -3.40 -2.37
N ARG A 428 -25.09 -4.25 -3.39
CA ARG A 428 -26.20 -5.17 -3.64
C ARG A 428 -27.52 -4.41 -3.65
N ASP A 429 -28.56 -4.96 -3.01
CA ASP A 429 -29.87 -4.34 -3.06
C ASP A 429 -29.89 -2.96 -2.39
N LEU A 430 -29.00 -2.75 -1.41
CA LEU A 430 -28.93 -1.50 -0.67
C LEU A 430 -28.00 -0.48 -1.33
N THR A 431 -27.75 -0.61 -2.63
CA THR A 431 -26.83 0.30 -3.30
C THR A 431 -27.36 1.73 -3.29
N TRP A 432 -27.01 2.49 -2.27
CA TRP A 432 -27.35 3.91 -2.19
C TRP A 432 -26.65 4.67 -3.32
N VAL A 433 -27.07 4.47 -4.56
CA VAL A 433 -26.49 5.27 -5.63
C VAL A 433 -27.00 6.70 -5.53
N ARG A 434 -26.15 7.66 -5.88
CA ARG A 434 -26.51 9.06 -5.85
C ARG A 434 -25.69 9.82 -6.88
N ILE A 435 -26.25 10.93 -7.36
CA ILE A 435 -25.61 11.75 -8.38
C ILE A 435 -25.62 13.20 -7.93
N SER A 436 -24.60 13.95 -8.37
CA SER A 436 -24.44 15.36 -8.03
C SER A 436 -25.02 16.26 -9.11
N LYS A 437 -25.35 17.49 -8.70
CA LYS A 437 -25.96 18.44 -9.63
C LYS A 437 -24.93 18.99 -10.62
N GLU A 438 -23.70 19.24 -10.17
CA GLU A 438 -22.70 19.79 -11.08
C GLU A 438 -22.34 18.81 -12.19
N ALA A 439 -22.42 17.50 -11.93
CA ALA A 439 -22.02 16.52 -12.93
C ALA A 439 -23.00 16.51 -14.10
N PHE A 440 -24.30 16.58 -13.82
CA PHE A 440 -25.33 16.76 -14.83
C PHE A 440 -25.45 18.22 -15.24
N ALA A 441 -24.74 19.13 -14.57
CA ALA A 441 -24.51 20.45 -15.12
C ALA A 441 -23.36 20.45 -16.13
N LYS A 442 -22.36 19.60 -15.92
CA LYS A 442 -21.23 19.46 -16.85
C LYS A 442 -21.51 18.46 -17.97
N GLY A 443 -22.71 17.89 -18.03
CA GLY A 443 -23.12 17.08 -19.15
C GLY A 443 -22.83 15.59 -19.06
N ALA A 444 -22.26 15.11 -17.96
CA ALA A 444 -22.07 13.68 -17.79
C ALA A 444 -23.41 12.96 -17.71
N ARG A 445 -23.48 11.76 -18.28
CA ARG A 445 -24.68 10.94 -18.24
C ARG A 445 -24.29 9.49 -17.95
N LEU A 446 -25.32 8.61 -17.91
CA LEU A 446 -25.11 7.23 -17.50
C LEU A 446 -24.23 6.46 -18.46
N LYS A 447 -24.28 6.76 -19.76
CA LYS A 447 -23.49 5.98 -20.72
C LYS A 447 -22.01 6.15 -20.43
N HIS A 448 -21.59 7.35 -20.05
CA HIS A 448 -20.20 7.57 -19.68
C HIS A 448 -19.84 6.84 -18.40
N LEU A 449 -20.79 6.66 -17.48
CA LEU A 449 -20.50 5.93 -16.25
C LEU A 449 -20.38 4.43 -16.50
N GLY A 450 -21.21 3.90 -17.39
CA GLY A 450 -21.03 2.50 -17.79
C GLY A 450 -19.72 2.30 -18.52
N GLN A 451 -19.33 3.28 -19.34
CA GLN A 451 -18.00 3.23 -19.94
C GLN A 451 -16.90 3.29 -18.90
N LEU A 452 -17.13 4.05 -17.82
CA LEU A 452 -16.14 4.14 -16.75
C LEU A 452 -15.97 2.80 -16.06
N LEU A 453 -17.08 2.11 -15.81
CA LEU A 453 -16.99 0.79 -15.20
C LEU A 453 -16.30 -0.21 -16.14
N TYR A 454 -16.64 -0.15 -17.44
CA TYR A 454 -15.99 -1.04 -18.40
C TYR A 454 -14.48 -0.78 -18.44
N ALA A 455 -14.09 0.50 -18.44
CA ALA A 455 -12.68 0.84 -18.55
C ALA A 455 -11.91 0.40 -17.31
N LYS A 456 -12.48 0.62 -16.12
CA LYS A 456 -11.76 0.23 -14.91
C LYS A 456 -11.68 -1.29 -14.78
N PHE A 457 -12.75 -2.01 -15.17
CA PHE A 457 -12.68 -3.47 -15.12
C PHE A 457 -11.64 -4.01 -16.10
N LYS A 458 -11.53 -3.40 -17.29
CA LYS A 458 -10.48 -3.82 -18.21
C LYS A 458 -9.10 -3.45 -17.71
N GLN A 459 -8.98 -2.35 -16.94
CA GLN A 459 -7.68 -1.89 -16.48
C GLN A 459 -7.14 -2.76 -15.36
N GLU A 460 -7.97 -3.08 -14.36
CA GLU A 460 -7.47 -3.64 -13.11
C GLU A 460 -7.25 -5.14 -13.14
N PHE A 461 -7.80 -5.85 -14.13
CA PHE A 461 -7.79 -7.31 -14.12
C PHE A 461 -7.33 -7.86 -15.47
N PRO A 462 -6.22 -7.35 -16.00
CA PRO A 462 -5.82 -7.75 -17.36
C PRO A 462 -5.64 -9.25 -17.51
N SER A 463 -5.20 -9.93 -16.46
CA SER A 463 -4.91 -11.36 -16.54
C SER A 463 -6.15 -12.22 -16.74
N ILE A 464 -7.32 -11.73 -16.34
CA ILE A 464 -8.46 -12.62 -16.13
C ILE A 464 -9.67 -12.24 -16.97
N VAL A 465 -9.88 -10.94 -17.20
CA VAL A 465 -11.00 -10.47 -18.00
C VAL A 465 -10.53 -10.23 -19.43
N ASP A 466 -11.31 -10.72 -20.40
CA ASP A 466 -11.05 -10.49 -21.82
C ASP A 466 -12.17 -9.70 -22.47
N ARG A 467 -13.42 -10.14 -22.31
CA ARG A 467 -14.54 -9.63 -23.10
C ARG A 467 -15.66 -9.26 -22.13
N VAL A 468 -15.76 -7.96 -21.82
CA VAL A 468 -16.65 -7.47 -20.78
C VAL A 468 -17.62 -6.46 -21.38
N GLN A 469 -18.77 -6.30 -20.72
CA GLN A 469 -19.81 -5.39 -21.18
C GLN A 469 -20.65 -4.93 -20.00
N VAL A 470 -21.37 -3.83 -20.21
CA VAL A 470 -22.16 -3.19 -19.16
C VAL A 470 -23.54 -2.84 -19.71
N THR A 471 -24.56 -3.09 -18.89
CA THR A 471 -25.94 -2.76 -19.24
C THR A 471 -26.64 -2.23 -18.00
N ILE A 472 -27.16 -1.02 -18.10
CA ILE A 472 -27.86 -0.38 -16.99
C ILE A 472 -29.37 -0.42 -17.26
N TYR A 473 -30.15 -0.28 -16.20
CA TYR A 473 -31.60 -0.26 -16.30
C TYR A 473 -32.14 0.74 -15.29
N THR A 474 -33.26 1.38 -15.64
CA THR A 474 -33.85 2.41 -14.80
C THR A 474 -35.36 2.29 -14.62
N ASP A 475 -36.04 1.43 -15.36
CA ASP A 475 -37.48 1.26 -15.17
C ASP A 475 -37.76 0.77 -13.75
N GLU A 476 -38.80 1.33 -13.13
CA GLU A 476 -39.12 0.93 -11.76
C GLU A 476 -39.57 -0.52 -11.67
N GLN A 477 -40.19 -1.05 -12.74
CA GLN A 477 -40.64 -2.44 -12.73
C GLN A 477 -39.55 -3.41 -13.15
N LYS A 478 -38.80 -3.10 -14.22
CA LYS A 478 -37.73 -3.99 -14.65
C LYS A 478 -36.62 -4.07 -13.63
N VAL A 479 -36.36 -2.97 -12.90
CA VAL A 479 -35.27 -2.96 -11.93
C VAL A 479 -35.55 -3.98 -10.83
N LEU A 480 -36.83 -4.14 -10.44
CA LEU A 480 -37.18 -5.15 -9.45
C LEU A 480 -37.14 -6.55 -10.06
N GLU A 481 -37.54 -6.66 -11.34
CA GLU A 481 -37.52 -7.96 -12.00
C GLU A 481 -36.11 -8.52 -12.03
N LEU A 482 -35.11 -7.64 -12.18
CA LEU A 482 -33.71 -8.09 -12.13
C LEU A 482 -33.15 -8.08 -10.71
N ARG A 483 -33.75 -7.30 -9.81
CA ARG A 483 -33.35 -7.37 -8.42
C ARG A 483 -33.60 -8.75 -7.85
N GLU A 484 -34.69 -9.40 -8.29
CA GLU A 484 -34.95 -10.76 -7.81
C GLU A 484 -33.87 -11.74 -8.26
N ILE A 485 -33.43 -11.64 -9.51
CA ILE A 485 -32.42 -12.55 -10.02
C ILE A 485 -31.07 -12.27 -9.34
N ALA A 486 -30.79 -10.99 -9.08
CA ALA A 486 -29.59 -10.66 -8.32
C ALA A 486 -29.67 -11.22 -6.91
N ARG A 487 -30.88 -11.26 -6.32
CA ARG A 487 -31.04 -11.88 -5.01
C ARG A 487 -30.75 -13.38 -5.09
N LYS A 488 -31.16 -14.02 -6.17
CA LYS A 488 -30.85 -15.45 -6.34
C LYS A 488 -29.34 -15.67 -6.43
N LYS A 489 -28.64 -14.78 -7.13
CA LYS A 489 -27.18 -14.91 -7.21
C LYS A 489 -26.53 -14.67 -5.85
N TYR A 490 -26.99 -13.63 -5.13
CA TYR A 490 -26.46 -13.38 -3.79
C TYR A 490 -26.71 -14.59 -2.90
N ALA A 491 -27.85 -15.26 -3.09
CA ALA A 491 -28.22 -16.35 -2.21
C ALA A 491 -27.36 -17.57 -2.46
N GLU A 492 -27.09 -17.91 -3.73
CA GLU A 492 -26.17 -19.02 -3.95
C GLU A 492 -24.76 -18.71 -3.46
N ARG A 493 -24.32 -17.45 -3.58
CA ARG A 493 -23.00 -17.11 -3.03
C ARG A 493 -22.97 -17.21 -1.51
N ASP A 494 -24.01 -16.69 -0.84
CA ASP A 494 -24.08 -16.78 0.61
C ASP A 494 -24.20 -18.21 1.08
N ALA A 495 -24.85 -19.07 0.28
CA ALA A 495 -24.92 -20.48 0.62
C ALA A 495 -23.55 -21.13 0.52
N ARG A 496 -22.77 -20.79 -0.51
CA ARG A 496 -21.42 -21.31 -0.59
C ARG A 496 -20.56 -20.80 0.56
N LEU A 497 -20.80 -19.57 1.02
CA LEU A 497 -20.06 -19.07 2.18
C LEU A 497 -20.49 -19.78 3.47
N ARG A 498 -21.77 -20.14 3.57
CA ARG A 498 -22.27 -20.81 4.78
C ARG A 498 -21.64 -22.18 4.96
N GLU A 499 -21.24 -22.83 3.86
CA GLU A 499 -20.69 -24.17 3.95
C GLU A 499 -19.37 -24.22 4.71
N LEU A 500 -18.65 -23.11 4.81
CA LEU A 500 -17.25 -23.13 5.18
C LEU A 500 -17.06 -23.11 6.69
N SER A 501 -16.11 -23.94 7.13
CA SER A 501 -15.63 -23.98 8.50
C SER A 501 -14.12 -24.14 8.42
N ASP A 502 -13.44 -23.93 9.55
CA ASP A 502 -12.00 -24.19 9.57
C ASP A 502 -11.70 -25.65 9.23
N GLU A 503 -12.61 -26.56 9.58
CA GLU A 503 -12.36 -27.98 9.36
C GLU A 503 -12.70 -28.43 7.94
N ALA A 504 -13.56 -27.70 7.22
CA ALA A 504 -14.00 -28.11 5.90
C ALA A 504 -12.98 -27.80 4.80
N VAL A 505 -11.98 -26.97 5.09
CA VAL A 505 -10.94 -26.65 4.13
C VAL A 505 -9.61 -27.13 4.68
N ASP A 506 -8.70 -27.50 3.79
CA ASP A 506 -7.37 -27.94 4.15
C ASP A 506 -6.31 -26.85 4.08
N THR A 507 -6.67 -25.65 3.62
CA THR A 507 -5.70 -24.60 3.31
C THR A 507 -6.21 -23.27 3.83
N TYR A 508 -5.36 -22.57 4.58
CA TYR A 508 -5.62 -21.18 4.96
C TYR A 508 -4.78 -20.29 4.06
N TYR A 509 -4.93 -18.97 4.19
CA TYR A 509 -4.22 -18.07 3.29
C TYR A 509 -3.49 -17.00 4.06
N SER A 510 -2.22 -16.79 3.72
CA SER A 510 -1.46 -15.68 4.28
C SER A 510 -1.96 -14.36 3.73
N CYS A 511 -1.71 -13.30 4.49
CA CYS A 511 -1.79 -11.94 3.97
C CYS A 511 -0.56 -11.19 4.46
N LEU A 512 0.21 -10.66 3.51
CA LEU A 512 1.38 -9.85 3.76
C LEU A 512 1.17 -8.39 3.40
N LEU A 513 -0.07 -7.99 3.11
CA LEU A 513 -0.30 -6.66 2.56
C LEU A 513 0.15 -5.55 3.51
N CYS A 514 0.12 -5.80 4.83
CA CYS A 514 0.43 -4.76 5.79
C CYS A 514 1.90 -4.74 6.19
N GLN A 515 2.75 -5.55 5.56
CA GLN A 515 4.18 -5.48 5.82
C GLN A 515 4.79 -4.19 5.29
N SER A 516 4.02 -3.41 4.51
CA SER A 516 4.50 -2.10 4.08
C SER A 516 4.78 -1.18 5.26
N PHE A 517 4.00 -1.31 6.35
CA PHE A 517 4.26 -0.52 7.55
C PHE A 517 4.42 -1.37 8.81
N ALA A 518 4.16 -2.67 8.76
CA ALA A 518 4.35 -3.58 9.88
C ALA A 518 5.14 -4.78 9.34
N PRO A 519 6.44 -4.60 9.12
CA PRO A 519 7.20 -5.61 8.34
C PRO A 519 7.16 -7.02 8.92
N THR A 520 7.12 -7.18 10.23
CA THR A 520 7.12 -8.50 10.84
C THR A 520 5.72 -9.11 10.99
N HIS A 521 4.67 -8.38 10.62
CA HIS A 521 3.32 -8.92 10.79
C HIS A 521 2.92 -9.80 9.62
N VAL A 522 2.27 -10.92 9.94
CA VAL A 522 1.74 -11.86 8.96
C VAL A 522 0.33 -12.22 9.41
N CYS A 523 -0.66 -12.03 8.53
CA CYS A 523 -2.00 -12.50 8.83
C CYS A 523 -2.19 -13.92 8.28
N ILE A 524 -2.95 -14.72 9.01
CA ILE A 524 -3.40 -16.02 8.56
C ILE A 524 -4.92 -15.98 8.56
N VAL A 525 -5.52 -15.99 7.37
CA VAL A 525 -6.96 -15.94 7.19
C VAL A 525 -7.49 -17.35 7.01
N SER A 526 -8.46 -17.71 7.82
CA SER A 526 -9.13 -18.99 7.85
C SER A 526 -10.61 -18.73 7.69
N PRO A 527 -11.40 -19.73 7.31
CA PRO A 527 -12.82 -19.46 7.04
C PRO A 527 -13.55 -18.85 8.22
N GLU A 528 -13.18 -19.18 9.45
CA GLU A 528 -13.87 -18.69 10.63
C GLU A 528 -13.12 -17.57 11.36
N ARG A 529 -12.06 -17.03 10.75
CA ARG A 529 -11.34 -15.88 11.33
C ARG A 529 -10.96 -14.94 10.20
N VAL A 530 -11.74 -13.87 10.06
CA VAL A 530 -11.48 -12.86 9.06
C VAL A 530 -10.18 -12.13 9.39
N GLY A 531 -9.56 -11.57 8.34
CA GLY A 531 -8.44 -10.70 8.55
C GLY A 531 -8.82 -9.57 9.49
N LEU A 532 -7.89 -9.16 10.36
CA LEU A 532 -8.20 -8.24 11.44
C LEU A 532 -8.59 -6.86 10.93
N CYS A 533 -8.20 -6.50 9.71
CA CYS A 533 -8.74 -5.29 9.08
C CYS A 533 -10.24 -5.39 8.86
N GLY A 534 -10.77 -6.61 8.78
CA GLY A 534 -12.19 -6.84 8.56
C GLY A 534 -12.62 -6.91 7.12
N ALA A 535 -11.70 -6.66 6.17
CA ALA A 535 -12.05 -6.55 4.77
C ALA A 535 -11.53 -7.70 3.91
N ILE A 536 -10.86 -8.70 4.49
CA ILE A 536 -10.34 -9.82 3.73
C ILE A 536 -10.78 -11.11 4.40
N SER A 537 -11.73 -11.80 3.78
CA SER A 537 -12.18 -13.12 4.21
C SER A 537 -11.32 -14.20 3.55
N TRP A 538 -11.53 -15.44 3.99
CA TRP A 538 -10.82 -16.57 3.39
C TRP A 538 -11.12 -16.66 1.90
N LEU A 539 -12.37 -16.46 1.51
CA LEU A 539 -12.70 -16.50 0.09
C LEU A 539 -12.02 -15.36 -0.65
N ASP A 540 -11.90 -14.18 -0.01
CA ASP A 540 -11.27 -13.05 -0.67
C ASP A 540 -9.79 -13.31 -0.89
N ALA A 541 -9.08 -13.81 0.13
CA ALA A 541 -7.67 -14.12 -0.03
C ALA A 541 -7.45 -15.25 -1.04
N LYS A 542 -8.38 -16.20 -1.08
CA LYS A 542 -8.25 -17.29 -2.03
C LYS A 542 -8.41 -16.79 -3.46
N ALA A 543 -9.43 -15.96 -3.70
CA ALA A 543 -9.63 -15.40 -5.03
C ALA A 543 -8.49 -14.48 -5.42
N ALA A 544 -7.94 -13.73 -4.45
CA ALA A 544 -6.81 -12.85 -4.74
C ALA A 544 -5.57 -13.63 -5.10
N TYR A 545 -5.39 -14.82 -4.51
CA TYR A 545 -4.26 -15.66 -4.88
C TYR A 545 -4.47 -16.29 -6.25
N GLU A 546 -5.68 -16.82 -6.49
CA GLU A 546 -5.94 -17.47 -7.78
C GLU A 546 -5.89 -16.47 -8.93
N ILE A 547 -6.26 -15.22 -8.68
CA ILE A 547 -6.13 -14.18 -9.70
C ILE A 547 -4.65 -13.81 -9.89
N ASN A 548 -3.91 -13.71 -8.79
CA ASN A 548 -2.51 -13.29 -8.81
C ASN A 548 -1.67 -14.24 -7.96
N PRO A 549 -1.22 -15.36 -8.53
CA PRO A 549 -0.47 -16.34 -7.71
C PRO A 549 0.78 -15.78 -7.06
N ASN A 550 1.42 -14.77 -7.66
CA ASN A 550 2.62 -14.18 -7.10
C ASN A 550 2.34 -13.10 -6.07
N GLY A 551 1.07 -12.87 -5.71
CA GLY A 551 0.71 -11.75 -4.86
C GLY A 551 0.92 -12.01 -3.37
N PRO A 552 0.49 -11.05 -2.54
CA PRO A 552 0.76 -11.13 -1.09
C PRO A 552 -0.12 -12.12 -0.34
N ASN A 553 -1.07 -12.77 -1.00
CA ASN A 553 -1.89 -13.80 -0.38
C ASN A 553 -1.48 -15.16 -0.93
N GLN A 554 -1.05 -16.06 -0.04
CA GLN A 554 -0.53 -17.35 -0.46
C GLN A 554 -1.23 -18.48 0.29
N PRO A 555 -1.51 -19.59 -0.38
CA PRO A 555 -2.02 -20.76 0.33
C PRO A 555 -1.01 -21.33 1.31
N ILE A 556 -1.52 -21.82 2.43
CA ILE A 556 -0.72 -22.59 3.39
C ILE A 556 -1.55 -23.81 3.78
N PRO A 557 -1.13 -25.01 3.40
CA PRO A 557 -1.81 -26.21 3.88
C PRO A 557 -1.65 -26.36 5.39
N LYS A 558 -2.66 -26.96 6.02
CA LYS A 558 -2.48 -27.41 7.40
C LYS A 558 -1.57 -28.63 7.39
N GLU A 559 -0.35 -28.48 7.88
CA GLU A 559 0.56 -29.60 7.96
C GLU A 559 1.32 -29.53 9.28
N GLY A 560 1.62 -30.70 9.83
CA GLY A 560 2.42 -30.80 11.02
C GLY A 560 1.69 -30.34 12.27
N LEU A 561 0.60 -31.01 12.60
CA LEU A 561 -0.20 -30.62 13.75
C LEU A 561 0.64 -30.62 15.02
N ILE A 562 0.43 -29.61 15.86
CA ILE A 562 1.11 -29.49 17.14
C ILE A 562 0.11 -29.49 18.28
N ASP A 563 -0.82 -28.53 18.28
CA ASP A 563 -1.79 -28.41 19.36
C ASP A 563 -3.21 -28.46 18.83
N PRO A 564 -3.96 -29.55 19.06
CA PRO A 564 -5.35 -29.61 18.58
C PRO A 564 -6.25 -28.53 19.15
N VAL A 565 -6.01 -28.11 20.40
CA VAL A 565 -6.94 -27.22 21.08
C VAL A 565 -6.60 -25.76 20.85
N LYS A 566 -5.33 -25.38 21.00
CA LYS A 566 -4.93 -24.01 20.75
C LYS A 566 -4.85 -23.68 19.26
N GLY A 567 -4.78 -24.69 18.41
CA GLY A 567 -4.77 -24.47 16.97
C GLY A 567 -3.41 -24.10 16.43
N GLN A 568 -2.44 -25.00 16.56
CA GLN A 568 -1.07 -24.74 16.12
C GLN A 568 -0.63 -25.82 15.14
N TRP A 569 -0.05 -25.38 14.02
CA TRP A 569 0.45 -26.28 12.99
C TRP A 569 1.85 -25.83 12.60
N GLU A 570 2.70 -26.80 12.26
CA GLU A 570 4.06 -26.48 11.86
C GLU A 570 4.10 -25.67 10.57
N SER A 571 3.15 -25.89 9.66
CA SER A 571 3.18 -25.17 8.40
C SER A 571 2.96 -23.68 8.61
N PHE A 572 1.97 -23.32 9.44
CA PHE A 572 1.75 -21.91 9.74
C PHE A 572 2.92 -21.31 10.52
N ASN A 573 3.48 -22.08 11.44
CA ASN A 573 4.62 -21.59 12.21
C ASN A 573 5.78 -21.26 11.30
N GLU A 574 6.09 -22.15 10.35
CA GLU A 574 7.25 -21.94 9.51
C GLU A 574 7.01 -20.84 8.50
N TYR A 575 5.80 -20.72 7.96
CA TYR A 575 5.51 -19.60 7.07
C TYR A 575 5.66 -18.27 7.80
N ILE A 576 5.09 -18.17 9.00
CA ILE A 576 5.17 -16.91 9.76
C ILE A 576 6.61 -16.62 10.14
N TYR A 577 7.39 -17.66 10.45
CA TYR A 577 8.79 -17.46 10.84
C TYR A 577 9.60 -16.96 9.66
N LYS A 578 9.40 -17.55 8.48
CA LYS A 578 10.14 -17.11 7.30
C LYS A 578 9.72 -15.72 6.84
N ASN A 579 8.47 -15.32 7.12
CA ASN A 579 7.98 -14.04 6.65
C ASN A 579 7.89 -12.98 7.74
N SER A 580 8.29 -13.30 8.97
CA SER A 580 8.36 -12.33 10.05
C SER A 580 9.79 -11.92 10.35
N GLN A 581 10.72 -12.18 9.43
CA GLN A 581 12.13 -11.92 9.64
C GLN A 581 12.64 -12.70 10.84
N ARG A 582 12.21 -13.96 10.95
CA ARG A 582 12.64 -14.88 12.01
C ARG A 582 12.29 -14.39 13.41
N THR A 583 11.34 -13.47 13.55
CA THR A 583 11.01 -12.95 14.89
C THR A 583 9.89 -13.72 15.57
N ILE A 584 9.01 -14.37 14.81
CA ILE A 584 7.87 -15.11 15.36
C ILE A 584 8.05 -16.57 14.98
N GLU A 585 7.96 -17.46 15.98
CA GLU A 585 8.21 -18.89 15.77
C GLU A 585 6.96 -19.76 15.89
N ARG A 586 5.98 -19.36 16.71
CA ARG A 586 4.79 -20.17 16.91
C ARG A 586 3.57 -19.25 16.87
N MET A 587 2.43 -19.81 16.45
CA MET A 587 1.19 -19.06 16.45
C MET A 587 0.02 -20.00 16.73
N ASN A 588 -0.80 -19.65 17.71
CA ASN A 588 -2.01 -20.37 18.07
C ASN A 588 -3.22 -19.64 17.51
N LEU A 589 -4.05 -20.35 16.74
CA LEU A 589 -5.20 -19.74 16.09
C LEU A 589 -6.36 -19.46 17.05
N TYR A 590 -6.50 -20.23 18.12
CA TYR A 590 -7.71 -20.24 18.92
C TYR A 590 -7.52 -19.67 20.33
N THR A 591 -6.42 -18.95 20.56
CA THR A 591 -6.21 -18.32 21.86
C THR A 591 -5.44 -17.02 21.68
N ILE A 592 -5.62 -16.10 22.63
CA ILE A 592 -4.79 -14.90 22.71
C ILE A 592 -3.74 -14.97 23.81
N MET A 593 -3.85 -15.95 24.72
CA MET A 593 -3.00 -15.97 25.90
C MET A 593 -1.61 -16.53 25.64
N GLU A 594 -1.42 -17.20 24.51
CA GLU A 594 -0.17 -17.89 24.24
C GLU A 594 0.05 -17.88 22.74
N TYR A 595 1.17 -17.30 22.30
CA TYR A 595 1.51 -17.17 20.89
C TYR A 595 0.34 -16.66 20.05
N PRO A 596 -0.23 -15.53 20.41
CA PRO A 596 -1.29 -14.93 19.57
C PRO A 596 -0.75 -14.51 18.21
N MET A 597 -1.64 -14.54 17.22
CA MET A 597 -1.34 -13.88 15.95
C MET A 597 -1.03 -12.42 16.21
N THR A 598 -0.10 -11.86 15.44
CA THR A 598 0.26 -10.47 15.60
C THR A 598 -0.75 -9.56 14.91
N SER A 599 -0.56 -8.26 15.07
CA SER A 599 -1.38 -7.25 14.41
C SER A 599 -0.50 -6.22 13.73
N CYS A 600 -1.05 -5.60 12.69
CA CYS A 600 -0.36 -4.50 12.00
C CYS A 600 -0.74 -3.16 12.64
N GLY A 601 -1.96 -2.69 12.39
CA GLY A 601 -2.40 -1.47 13.07
C GLY A 601 -3.75 -0.99 12.60
N CYS A 602 -4.36 -1.66 11.66
CA CYS A 602 -5.67 -1.30 11.09
C CYS A 602 -6.76 -2.17 11.70
N PHE A 603 -6.50 -2.83 12.81
CA PHE A 603 -7.47 -3.74 13.40
C PHE A 603 -8.76 -3.01 13.77
N GLU A 604 -9.90 -3.68 13.54
CA GLU A 604 -11.18 -3.07 13.90
C GLU A 604 -11.42 -3.02 15.40
N ALA A 605 -10.81 -3.93 16.16
CA ALA A 605 -11.03 -3.95 17.61
C ALA A 605 -9.85 -4.61 18.29
N ILE A 606 -9.69 -4.34 19.58
CA ILE A 606 -8.64 -4.92 20.40
C ILE A 606 -9.26 -5.66 21.57
N MET A 607 -8.83 -6.90 21.78
CA MET A 607 -9.16 -7.70 22.94
C MET A 607 -8.02 -7.65 23.95
N ALA A 608 -8.36 -7.66 25.23
CA ALA A 608 -7.38 -7.78 26.28
C ALA A 608 -7.94 -8.58 27.44
N TYR A 609 -7.14 -9.50 27.97
CA TYR A 609 -7.52 -10.25 29.16
C TYR A 609 -7.33 -9.39 30.41
N LEU A 610 -8.34 -9.39 31.27
CA LEU A 610 -8.32 -8.70 32.56
C LEU A 610 -8.46 -9.77 33.64
N PRO A 611 -7.37 -10.15 34.30
CA PRO A 611 -7.48 -11.11 35.41
C PRO A 611 -8.35 -10.59 36.55
N GLU A 612 -8.42 -9.27 36.73
CA GLU A 612 -9.29 -8.71 37.76
C GLU A 612 -10.74 -9.06 37.52
N LEU A 613 -11.13 -9.26 36.27
CA LEU A 613 -12.50 -9.67 35.94
C LEU A 613 -12.57 -11.10 35.43
N ASN A 614 -11.44 -11.81 35.38
CA ASN A 614 -11.41 -13.18 34.89
C ASN A 614 -11.91 -13.28 33.45
N GLY A 615 -11.71 -12.24 32.65
CA GLY A 615 -12.33 -12.28 31.33
C GLY A 615 -11.79 -11.22 30.40
N PHE A 616 -12.32 -11.20 29.17
CA PHE A 616 -11.86 -10.29 28.13
C PHE A 616 -12.66 -8.99 28.11
N MET A 617 -11.95 -7.88 27.99
CA MET A 617 -12.54 -6.66 27.45
C MET A 617 -12.28 -6.60 25.95
N ILE A 618 -13.20 -5.96 25.24
CA ILE A 618 -13.05 -5.68 23.81
C ILE A 618 -13.33 -4.19 23.61
N VAL A 619 -12.60 -3.56 22.69
CA VAL A 619 -12.80 -2.15 22.41
C VAL A 619 -12.58 -1.90 20.92
N ASN A 620 -13.59 -1.36 20.25
CA ASN A 620 -13.50 -1.08 18.83
C ASN A 620 -12.78 0.25 18.58
N ARG A 621 -12.26 0.38 17.36
CA ARG A 621 -11.45 1.54 17.01
C ARG A 621 -12.22 2.84 17.18
N GLU A 622 -13.54 2.82 16.93
CA GLU A 622 -14.32 4.04 17.03
C GLU A 622 -14.57 4.46 18.47
N HIS A 623 -14.32 3.59 19.45
CA HIS A 623 -14.60 3.96 20.83
C HIS A 623 -13.46 4.81 21.38
N SER A 624 -13.80 5.98 21.92
CA SER A 624 -12.81 6.91 22.45
C SER A 624 -12.80 6.96 23.97
N GLY A 625 -13.70 6.25 24.64
CA GLY A 625 -13.73 6.27 26.07
C GLY A 625 -12.67 5.40 26.71
N MET A 626 -12.42 5.67 28.00
CA MET A 626 -11.52 4.86 28.81
C MET A 626 -12.08 3.46 29.03
N THR A 627 -11.20 2.48 29.02
CA THR A 627 -11.55 1.08 29.18
C THR A 627 -11.04 0.54 30.51
N PRO A 628 -11.58 -0.60 30.97
CA PRO A 628 -11.23 -1.08 32.32
C PRO A 628 -9.75 -1.38 32.51
N ILE A 629 -8.98 -1.55 31.43
CA ILE A 629 -7.53 -1.73 31.57
C ILE A 629 -6.80 -0.42 31.82
N GLY A 630 -7.50 0.71 31.86
CA GLY A 630 -6.87 1.98 32.11
C GLY A 630 -6.30 2.66 30.90
N MET A 631 -6.68 2.24 29.69
CA MET A 631 -6.19 2.86 28.47
C MET A 631 -7.33 2.98 27.47
N THR A 632 -7.24 3.98 26.60
CA THR A 632 -8.14 4.13 25.47
C THR A 632 -7.62 3.32 24.28
N PHE A 633 -8.42 3.28 23.22
CA PHE A 633 -8.10 2.39 22.10
C PHE A 633 -6.74 2.74 21.47
N SER A 634 -6.40 4.03 21.36
CA SER A 634 -5.17 4.41 20.65
C SER A 634 -3.93 4.08 21.46
N THR A 635 -4.01 4.25 22.78
CA THR A 635 -2.89 3.86 23.63
C THR A 635 -2.64 2.36 23.52
N LEU A 636 -3.70 1.55 23.59
CA LEU A 636 -3.54 0.11 23.42
C LEU A 636 -3.04 -0.23 22.02
N ALA A 637 -3.50 0.52 21.02
CA ALA A 637 -3.11 0.23 19.64
C ALA A 637 -1.62 0.42 19.45
N GLY A 638 -1.04 1.40 20.15
CA GLY A 638 0.40 1.57 20.05
C GLY A 638 1.17 0.36 20.52
N MET A 639 0.62 -0.38 21.50
CA MET A 639 1.31 -1.54 22.05
C MET A 639 0.92 -2.86 21.38
N VAL A 640 -0.25 -2.94 20.75
CA VAL A 640 -0.72 -4.20 20.19
C VAL A 640 -0.32 -4.35 18.72
N GLY A 641 -0.14 -3.26 18.00
CA GLY A 641 0.24 -3.31 16.61
C GLY A 641 1.73 -3.46 16.42
N GLY A 642 2.16 -3.39 15.17
CA GLY A 642 3.55 -3.43 14.81
C GLY A 642 4.16 -4.80 14.64
N GLY A 643 3.35 -5.86 14.56
CA GLY A 643 3.89 -7.17 14.28
C GLY A 643 4.56 -7.85 15.44
N THR A 644 4.30 -7.42 16.67
CA THR A 644 4.89 -8.01 17.86
C THR A 644 3.89 -8.92 18.56
N GLN A 645 4.38 -10.05 19.07
CA GLN A 645 3.52 -11.01 19.74
C GLN A 645 3.26 -10.55 21.18
N THR A 646 1.98 -10.46 21.55
CA THR A 646 1.56 -9.81 22.80
C THR A 646 0.58 -10.69 23.57
N PRO A 647 1.05 -11.70 24.28
CA PRO A 647 0.11 -12.62 24.95
C PRO A 647 -0.81 -11.87 25.90
N GLY A 648 -2.08 -12.25 25.89
CA GLY A 648 -3.11 -11.52 26.62
C GLY A 648 -3.74 -10.36 25.87
N PHE A 649 -3.32 -10.08 24.64
CA PHE A 649 -3.86 -8.99 23.85
C PHE A 649 -3.91 -9.41 22.39
N MET A 650 -4.91 -8.92 21.65
CA MET A 650 -4.99 -9.29 20.26
C MET A 650 -5.87 -8.33 19.46
N GLY A 651 -5.44 -8.03 18.23
CA GLY A 651 -6.27 -7.27 17.31
C GLY A 651 -7.13 -8.19 16.45
N ILE A 652 -8.38 -7.77 16.22
CA ILE A 652 -9.35 -8.62 15.55
C ILE A 652 -10.29 -7.76 14.71
N GLY A 653 -10.85 -8.38 13.67
CA GLY A 653 -12.03 -7.83 13.03
C GLY A 653 -13.29 -8.07 13.87
N LYS A 654 -14.27 -7.19 13.68
CA LYS A 654 -15.47 -7.24 14.52
C LYS A 654 -16.25 -8.52 14.30
N SER A 655 -16.32 -8.99 13.05
CA SER A 655 -17.13 -10.17 12.77
C SER A 655 -16.56 -11.40 13.45
N TYR A 656 -15.26 -11.41 13.72
CA TYR A 656 -14.67 -12.55 14.42
C TYR A 656 -15.32 -12.75 15.77
N ILE A 657 -15.85 -11.69 16.38
CA ILE A 657 -16.48 -11.84 17.69
C ILE A 657 -17.66 -12.80 17.61
N GLY A 658 -18.31 -12.88 16.44
CA GLY A 658 -19.39 -13.81 16.20
C GLY A 658 -19.00 -15.17 15.68
N SER A 659 -17.72 -15.40 15.39
CA SER A 659 -17.27 -16.68 14.87
C SER A 659 -17.46 -17.78 15.92
N ARG A 660 -17.77 -18.99 15.43
CA ARG A 660 -17.78 -20.15 16.32
C ARG A 660 -16.40 -20.43 16.91
N LYS A 661 -15.35 -20.06 16.18
CA LYS A 661 -13.98 -20.30 16.61
C LYS A 661 -13.42 -19.15 17.46
N PHE A 662 -14.21 -18.12 17.72
CA PHE A 662 -13.74 -16.94 18.44
C PHE A 662 -13.05 -17.33 19.74
N VAL A 663 -11.72 -17.20 19.77
CA VAL A 663 -10.87 -17.54 20.91
C VAL A 663 -11.42 -18.76 21.64
N LYS A 664 -11.71 -19.82 20.88
CA LYS A 664 -12.44 -20.97 21.41
C LYS A 664 -11.66 -21.65 22.54
N ALA A 665 -10.34 -21.63 22.49
CA ALA A 665 -9.54 -22.26 23.55
C ALA A 665 -9.53 -21.44 24.82
N ASP A 666 -9.90 -20.16 24.76
CA ASP A 666 -9.98 -19.30 25.94
C ASP A 666 -11.37 -19.28 26.56
N GLY A 667 -12.31 -20.03 26.01
CA GLY A 667 -13.69 -20.02 26.47
C GLY A 667 -14.65 -19.28 25.56
N GLY A 668 -14.15 -18.63 24.52
CA GLY A 668 -15.04 -18.05 23.53
C GLY A 668 -15.83 -16.86 24.08
N LEU A 669 -17.03 -16.69 23.53
CA LEU A 669 -17.85 -15.53 23.86
C LEU A 669 -18.20 -15.49 25.34
N ALA A 670 -18.28 -16.65 25.99
CA ALA A 670 -18.59 -16.67 27.42
C ALA A 670 -17.55 -15.93 28.22
N ARG A 671 -16.34 -15.76 27.68
CA ARG A 671 -15.24 -15.10 28.37
C ARG A 671 -15.29 -13.58 28.26
N VAL A 672 -16.19 -13.03 27.46
CA VAL A 672 -16.24 -11.58 27.24
C VAL A 672 -17.07 -10.93 28.34
N VAL A 673 -16.47 -9.98 29.06
CA VAL A 673 -17.13 -9.34 30.19
C VAL A 673 -17.35 -7.84 29.98
N TRP A 674 -16.75 -7.23 28.97
CA TRP A 674 -16.90 -5.79 28.78
C TRP A 674 -16.66 -5.43 27.33
N MET A 675 -17.55 -4.60 26.79
CA MET A 675 -17.35 -3.98 25.48
C MET A 675 -18.18 -2.72 25.43
N PRO A 676 -17.86 -1.77 24.55
CA PRO A 676 -18.65 -0.55 24.45
C PRO A 676 -20.08 -0.87 24.04
N LYS A 677 -21.01 -0.04 24.54
CA LYS A 677 -22.43 -0.28 24.31
C LYS A 677 -22.76 -0.27 22.82
N ASP A 678 -22.18 0.67 22.07
CA ASP A 678 -22.51 0.75 20.65
C ASP A 678 -22.02 -0.48 19.91
N LEU A 679 -20.83 -0.98 20.27
CA LEU A 679 -20.32 -2.18 19.62
C LEU A 679 -21.22 -3.37 19.93
N LYS A 680 -21.71 -3.44 21.17
CA LYS A 680 -22.59 -4.53 21.56
C LYS A 680 -23.91 -4.48 20.79
N GLU A 681 -24.46 -3.27 20.61
CA GLU A 681 -25.70 -3.15 19.85
C GLU A 681 -25.47 -3.50 18.37
N GLN A 682 -24.33 -3.09 17.83
CA GLN A 682 -24.03 -3.37 16.43
C GLN A 682 -23.88 -4.87 16.16
N LEU A 683 -23.44 -5.63 17.15
CA LEU A 683 -23.25 -7.07 17.02
C LEU A 683 -24.32 -7.87 17.75
N ARG A 684 -25.42 -7.22 18.14
CA ARG A 684 -26.35 -7.86 19.08
C ARG A 684 -26.93 -9.15 18.53
N SER A 685 -27.19 -9.20 17.23
CA SER A 685 -27.91 -10.36 16.69
C SER A 685 -27.00 -11.59 16.61
N ILE A 686 -25.78 -11.41 16.08
CA ILE A 686 -24.87 -12.55 16.01
C ILE A 686 -24.44 -12.97 17.42
N ILE A 687 -24.32 -12.01 18.34
CA ILE A 687 -23.96 -12.38 19.70
C ILE A 687 -25.08 -13.19 20.35
N GLU A 688 -26.33 -12.78 20.12
CA GLU A 688 -27.45 -13.51 20.69
C GLU A 688 -27.55 -14.91 20.12
N GLU A 689 -27.39 -15.04 18.80
CA GLU A 689 -27.42 -16.37 18.19
C GLU A 689 -26.32 -17.25 18.75
N ARG A 690 -25.08 -16.74 18.77
CA ARG A 690 -23.95 -17.57 19.16
C ARG A 690 -24.02 -17.95 20.63
N ALA A 691 -24.44 -17.01 21.49
CA ALA A 691 -24.61 -17.33 22.90
C ALA A 691 -25.73 -18.34 23.10
N GLU A 692 -26.77 -18.28 22.26
CA GLU A 692 -27.85 -19.24 22.38
C GLU A 692 -27.36 -20.64 22.06
N GLU A 693 -26.65 -20.79 20.93
CA GLU A 693 -26.23 -22.13 20.53
C GLU A 693 -25.11 -22.68 21.41
N GLU A 694 -24.42 -21.81 22.13
CA GLU A 694 -23.39 -22.24 23.08
C GLU A 694 -23.93 -22.50 24.47
N GLY A 695 -25.24 -22.37 24.68
CA GLY A 695 -25.84 -22.66 25.97
C GLY A 695 -25.77 -21.54 26.98
N LEU A 696 -25.35 -20.34 26.58
CA LEU A 696 -25.32 -19.21 27.49
C LEU A 696 -26.68 -18.52 27.64
N GLY A 697 -27.63 -18.83 26.78
CA GLY A 697 -28.94 -18.19 26.81
C GLY A 697 -29.02 -16.98 25.89
N ARG A 698 -30.24 -16.70 25.44
CA ARG A 698 -30.46 -15.54 24.57
C ARG A 698 -30.16 -14.24 25.30
N ASP A 699 -30.30 -14.22 26.63
CA ASP A 699 -30.11 -13.02 27.44
C ASP A 699 -28.66 -12.77 27.83
N PHE A 700 -27.71 -13.60 27.36
CA PHE A 700 -26.33 -13.45 27.79
C PHE A 700 -25.78 -12.07 27.46
N ILE A 701 -26.25 -11.45 26.38
CA ILE A 701 -25.71 -10.15 26.00
C ILE A 701 -25.97 -9.12 27.09
N ASP A 702 -27.02 -9.32 27.89
CA ASP A 702 -27.30 -8.39 28.97
C ASP A 702 -26.31 -8.52 30.13
N LYS A 703 -25.59 -9.64 30.21
CA LYS A 703 -24.60 -9.81 31.26
C LYS A 703 -23.27 -9.13 30.94
N ILE A 704 -23.04 -8.75 29.70
CA ILE A 704 -21.80 -8.09 29.31
C ILE A 704 -21.85 -6.64 29.77
N ALA A 705 -20.86 -6.23 30.56
CA ALA A 705 -20.76 -4.85 30.99
C ALA A 705 -20.33 -3.95 29.83
N ASP A 706 -20.69 -2.66 29.94
CA ASP A 706 -20.26 -1.65 28.99
C ASP A 706 -19.89 -0.39 29.79
N GLU A 707 -19.61 0.70 29.08
CA GLU A 707 -19.17 1.92 29.75
C GLU A 707 -20.25 2.52 30.63
N THR A 708 -21.54 2.24 30.36
CA THR A 708 -22.58 2.74 31.25
C THR A 708 -22.55 2.02 32.60
N VAL A 709 -22.02 0.80 32.65
CA VAL A 709 -21.78 0.17 33.94
C VAL A 709 -20.55 0.76 34.61
N GLY A 710 -19.48 0.94 33.87
CA GLY A 710 -18.27 1.51 34.41
C GLY A 710 -17.12 1.38 33.45
N THR A 711 -16.04 2.10 33.76
CA THR A 711 -14.81 2.07 32.99
C THR A 711 -13.63 1.54 33.80
N THR A 712 -13.88 1.05 35.01
CA THR A 712 -12.85 0.46 35.85
C THR A 712 -13.33 -0.92 36.29
N VAL A 713 -12.38 -1.79 36.65
CA VAL A 713 -12.74 -3.13 37.08
C VAL A 713 -13.53 -3.10 38.39
N ASP A 714 -13.26 -2.13 39.27
CA ASP A 714 -13.98 -2.04 40.53
C ASP A 714 -15.46 -1.77 40.31
N GLU A 715 -15.78 -0.90 39.34
CA GLU A 715 -17.17 -0.63 39.02
C GLU A 715 -17.82 -1.81 38.30
N VAL A 716 -17.04 -2.59 37.56
CA VAL A 716 -17.64 -3.58 36.68
C VAL A 716 -17.93 -4.89 37.41
N LEU A 717 -17.06 -5.28 38.35
CA LEU A 717 -17.23 -6.59 38.99
C LEU A 717 -18.59 -6.76 39.66
N PRO A 718 -19.10 -5.80 40.45
CA PRO A 718 -20.41 -6.02 41.08
C PRO A 718 -21.51 -6.28 40.07
N PHE A 719 -21.43 -5.63 38.91
CA PHE A 719 -22.40 -5.90 37.86
C PHE A 719 -22.30 -7.33 37.36
N LEU A 720 -21.07 -7.81 37.13
CA LEU A 720 -20.91 -9.17 36.63
C LEU A 720 -21.40 -10.18 37.66
N GLU A 721 -21.17 -9.92 38.94
CA GLU A 721 -21.65 -10.83 39.97
C GLU A 721 -23.17 -10.81 40.05
N GLU A 722 -23.77 -9.62 39.99
CA GLU A 722 -25.23 -9.54 40.05
C GLU A 722 -25.88 -10.24 38.87
N LYS A 723 -25.25 -10.19 37.70
CA LYS A 723 -25.84 -10.83 36.52
C LYS A 723 -25.50 -12.31 36.38
N GLY A 724 -24.61 -12.83 37.23
CA GLY A 724 -24.24 -14.23 37.08
C GLY A 724 -23.42 -14.51 35.83
N HIS A 725 -22.55 -13.59 35.45
CA HIS A 725 -21.79 -13.74 34.22
C HIS A 725 -20.97 -15.03 34.26
N PRO A 726 -21.04 -15.87 33.23
CA PRO A 726 -20.39 -17.19 33.30
C PRO A 726 -18.89 -17.14 33.53
N ALA A 727 -18.21 -16.08 33.06
CA ALA A 727 -16.76 -16.04 33.14
C ALA A 727 -16.26 -16.11 34.59
N LEU A 728 -17.06 -15.62 35.54
CA LEU A 728 -16.65 -15.66 36.93
C LEU A 728 -16.59 -17.09 37.47
N SER A 729 -17.27 -18.04 36.82
CA SER A 729 -17.21 -19.44 37.22
C SER A 729 -16.23 -20.25 36.38
N MET A 730 -15.62 -19.64 35.39
CA MET A 730 -14.70 -20.36 34.51
C MET A 730 -13.28 -20.35 35.10
N GLU A 731 -12.41 -21.15 34.48
CA GLU A 731 -11.02 -21.17 34.93
C GLU A 731 -10.36 -19.83 34.62
N PRO A 732 -9.55 -19.31 35.54
CA PRO A 732 -8.71 -18.15 35.19
C PRO A 732 -7.76 -18.55 34.07
N LEU A 733 -7.51 -17.61 33.16
CA LEU A 733 -6.57 -17.83 32.07
C LEU A 733 -5.16 -17.36 32.40
N LEU A 734 -5.01 -16.62 33.49
CA LEU A 734 -3.84 -15.78 33.78
C LEU A 734 -2.99 -15.41 32.59
FE1 SF4 B . -4.07 -8.35 5.04
FE2 SF4 B . -4.20 -8.68 7.76
FE3 SF4 B . -6.12 -7.24 6.46
FE4 SF4 B . -3.58 -6.24 6.68
S1 SF4 B . -5.04 -6.67 8.39
S2 SF4 B . -4.89 -6.25 4.82
S3 SF4 B . -2.35 -8.14 6.52
S4 SF4 B . -5.69 -9.45 6.22
NI NI C . -3.52 -4.12 8.26
NI NI D . -3.32 -3.28 11.00
C MEE E . -4.10 -2.13 5.16
S MEE E . -4.76 -2.72 6.69
H1 MEE E . -4.10 -2.85 4.51
H2 MEE E . -4.65 -1.40 4.84
H3 MEE E . -3.20 -1.82 5.29
C1 PG6 F . 46.53 22.63 4.74
O1 PG6 F . 46.56 21.28 5.12
C2 PG6 F . 46.24 20.34 4.12
C3 PG6 F . 45.08 20.83 3.25
O2 PG6 F . 44.61 19.79 2.45
C4 PG6 F . 43.44 20.15 1.76
C5 PG6 F . 43.09 19.09 0.74
O3 PG6 F . 42.89 17.87 1.41
C6 PG6 F . 41.77 17.15 0.99
C7 PG6 F . 41.50 16.05 2.02
O4 PG6 F . 40.23 16.27 2.57
C8 PG6 F . 40.04 15.86 3.88
C9 PG6 F . 39.16 16.87 4.60
O5 PG6 F . 39.76 17.21 5.82
C10 PG6 F . 39.49 18.49 6.29
C11 PG6 F . 40.72 19.12 6.93
O6 PG6 F . 40.56 20.51 7.00
C12 PG6 F . 41.33 21.25 6.09
H11 PG6 F . 45.50 22.97 4.70
H12 PG6 F . 46.99 22.75 3.77
H13 PG6 F . 47.07 23.22 5.47
H21 PG6 F . 45.97 19.40 4.58
H22 PG6 F . 47.12 20.19 3.49
H31 PG6 F . 45.43 21.65 2.62
H32 PG6 F . 44.28 21.19 3.89
H41 PG6 F . 43.60 21.11 1.27
H42 PG6 F . 42.62 20.25 2.47
H51 PG6 F . 43.90 18.98 0.04
H52 PG6 F . 42.18 19.36 0.22
H61 PG6 F . 41.96 16.71 0.02
H62 PG6 F . 40.91 17.81 0.93
H71 PG6 F . 42.25 16.07 2.80
H72 PG6 F . 41.53 15.07 1.53
H81 PG6 F . 41.00 15.78 4.39
H82 PG6 F . 39.56 14.88 3.89
H91 PG6 F . 38.18 16.44 4.77
H92 PG6 F . 39.06 17.76 3.98
H101 PG6 F . 38.69 18.44 7.03
H102 PG6 F . 39.16 19.11 5.46
H111 PG6 F . 41.60 18.88 6.32
H112 PG6 F . 40.87 18.71 7.93
H121 PG6 F . 40.82 22.17 5.85
H122 PG6 F . 41.46 20.67 5.18
H123 PG6 F . 42.30 21.47 6.53
O1 PG4 G . 5.61 2.42 10.32
C1 PG4 G . 4.85 3.58 10.44
C2 PG4 G . 3.41 3.23 10.82
O2 PG4 G . 2.53 3.69 9.82
C3 PG4 G . 1.21 3.82 10.26
C4 PG4 G . 0.24 3.56 9.10
O3 PG4 G . -0.92 2.95 9.61
C5 PG4 G . -1.86 2.63 8.61
C6 PG4 G . -3.08 1.96 9.25
O4 PG4 G . -3.46 2.64 10.41
C7 PG4 G . -4.82 2.63 10.72
C8 PG4 G . -5.37 4.06 10.68
O5 PG4 G . -4.87 4.79 11.77
HO1 PG4 G . 6.42 2.52 10.79
H11 PG4 G . 4.85 4.12 9.50
H12 PG4 G . 5.27 4.21 11.22
H21 PG4 G . 3.15 3.70 11.76
H22 PG4 G . 3.32 2.16 10.92
H31 PG4 G . 1.06 4.84 10.62
H32 PG4 G . 1.02 3.13 11.07
H41 PG4 G . 0.72 2.89 8.39
H42 PG4 G . -0.01 4.49 8.62
H51 PG4 G . -1.41 1.96 7.90
H52 PG4 G . -2.17 3.55 8.12
H61 PG4 G . -2.83 0.93 9.50
H62 PG4 G . -3.90 1.96 8.54
H71 PG4 G . -4.96 2.22 11.72
H72 PG4 G . -5.35 2.02 10.00
H81 PG4 G . -6.46 4.03 10.75
H82 PG4 G . -5.08 4.53 9.76
HO5 PG4 G . -5.29 5.64 11.80
C1 PEG H . 22.56 -3.69 13.72
O1 PEG H . 22.46 -4.78 14.61
C2 PEG H . 23.89 -3.75 12.97
O2 PEG H . 24.21 -2.48 12.48
C3 PEG H . 25.57 -2.31 12.14
C4 PEG H . 25.81 -2.76 10.70
O4 PEG H . 26.57 -3.94 10.69
H11 PEG H . 21.73 -3.72 13.01
H12 PEG H . 22.50 -2.76 14.29
HO1 PEG H . 21.55 -4.96 14.79
H21 PEG H . 24.66 -4.08 13.65
H22 PEG H . 23.81 -4.44 12.15
H31 PEG H . 25.83 -1.26 12.23
H32 PEG H . 26.18 -2.89 12.81
H41 PEG H . 24.86 -2.95 10.22
H42 PEG H . 26.35 -1.99 10.16
HO4 PEG H . 26.80 -4.16 9.80
C1 PEG I . -1.06 -3.03 28.66
O1 PEG I . -0.56 -2.74 29.94
C2 PEG I . -0.10 -3.99 27.94
O2 PEG I . -0.57 -4.28 26.66
C3 PEG I . 0.39 -4.20 25.64
C4 PEG I . 1.44 -5.29 25.78
O4 PEG I . 2.49 -5.04 24.90
H11 PEG I . -1.15 -2.11 28.08
H12 PEG I . -2.03 -3.50 28.74
HO1 PEG I . 0.37 -2.94 29.98
H21 PEG I . -0.02 -4.91 28.51
H22 PEG I . 0.88 -3.53 27.86
H31 PEG I . 0.87 -3.23 25.70
H32 PEG I . -0.10 -4.30 24.68
H41 PEG I . 1.00 -6.26 25.55
H42 PEG I . 1.82 -5.31 26.81
HO4 PEG I . 3.16 -5.69 24.99
C1 PG6 J . 24.26 29.64 -4.65
O1 PG6 J . 24.69 28.69 -5.59
C2 PG6 J . 23.66 27.98 -6.21
C3 PG6 J . 24.00 27.77 -7.69
O2 PG6 J . 22.95 27.08 -8.31
C4 PG6 J . 22.01 27.90 -8.94
C5 PG6 J . 20.78 27.08 -9.32
O3 PG6 J . 19.76 27.32 -8.40
C6 PG6 J . 18.50 26.82 -8.76
C7 PG6 J . 18.41 25.33 -8.41
O4 PG6 J . 18.26 25.18 -7.03
C8 PG6 J . 17.94 23.87 -6.64
C9 PG6 J . 17.94 23.78 -5.11
O5 PG6 J . 19.24 24.00 -4.64
C10 PG6 J . 19.32 24.26 -3.27
C11 PG6 J . 19.66 22.96 -2.54
O6 PG6 J . 21.04 22.88 -2.36
C12 PG6 J . 21.72 22.31 -3.45
H11 PG6 J . 23.57 29.18 -3.95
H12 PG6 J . 23.76 30.45 -5.17
H13 PG6 J . 25.12 30.03 -4.11
H21 PG6 J . 22.73 28.54 -6.13
H22 PG6 J . 23.54 27.02 -5.73
H31 PG6 J . 24.91 27.20 -7.77
H32 PG6 J . 24.12 28.74 -8.16
H41 PG6 J . 22.45 28.34 -9.83
H42 PG6 J . 21.71 28.70 -8.26
H51 PG6 J . 21.04 26.02 -9.31
H52 PG6 J . 20.45 27.36 -10.32
H61 PG6 J . 18.36 26.94 -9.83
H62 PG6 J . 17.73 27.36 -8.23
H71 PG6 J . 19.30 24.82 -8.74
H72 PG6 J . 17.54 24.89 -8.92
H81 PG6 J . 18.68 23.18 -7.04
H82 PG6 J . 16.96 23.61 -7.02
H91 PG6 J . 17.61 22.79 -4.81
H92 PG6 J . 17.26 24.52 -4.71
H101 PG6 J . 18.38 24.65 -2.91
H102 PG6 J . 20.10 24.99 -3.08
H111 PG6 J . 19.17 22.95 -1.57
H112 PG6 J . 19.30 22.11 -3.12
H121 PG6 J . 22.74 22.09 -3.16
H122 PG6 J . 21.23 21.39 -3.75
H123 PG6 J . 21.72 23.01 -4.28
O1 PG4 K . -15.82 -28.48 20.05
C1 PG4 K . -15.35 -29.24 21.13
C2 PG4 K . -13.91 -28.82 21.48
O2 PG4 K . -13.07 -29.03 20.38
C3 PG4 K . -11.73 -28.72 20.62
C4 PG4 K . -11.03 -28.37 19.31
O3 PG4 K . -11.29 -27.03 18.97
C5 PG4 K . -10.51 -26.51 17.93
C6 PG4 K . -10.88 -27.19 16.61
O4 PG4 K . -12.28 -27.16 16.44
C7 PG4 K . -12.80 -28.32 15.85
C8 PG4 K . -14.33 -28.24 15.81
O5 PG4 K . -14.85 -28.69 17.03
HO1 PG4 K . -16.58 -28.91 19.68
H11 PG4 K . -15.99 -29.08 21.99
H12 PG4 K . -15.35 -30.30 20.86
H21 PG4 K . -13.91 -27.77 21.74
H22 PG4 K . -13.56 -29.40 22.32
H31 PG4 K . -11.67 -27.87 21.29
H32 PG4 K . -11.23 -29.57 21.08
H41 PG4 K . -9.96 -28.52 19.42
H42 PG4 K . -11.41 -29.01 18.51
H51 PG4 K . -10.69 -25.44 17.85
H52 PG4 K . -9.46 -26.69 18.13
H61 PG4 K . -10.42 -26.65 15.79
H62 PG4 K . -10.53 -28.21 16.61
H71 PG4 K . -12.42 -28.41 14.83
H72 PG4 K . -12.50 -29.18 16.41
H81 PG4 K . -14.70 -28.88 15.00
H82 PG4 K . -14.64 -27.22 15.63
HO5 PG4 K . -15.77 -28.48 17.07
S SO4 L . 32.50 31.63 1.29
O1 SO4 L . 33.01 32.13 2.57
O2 SO4 L . 33.61 31.31 0.41
O3 SO4 L . 31.71 30.42 1.52
O4 SO4 L . 31.65 32.66 0.69
S SO4 M . 43.28 0.53 -6.51
O1 SO4 M . 43.10 1.49 -5.42
O2 SO4 M . 44.34 0.98 -7.40
O3 SO4 M . 43.63 -0.78 -5.95
O4 SO4 M . 42.04 0.42 -7.26
S SO4 N . -8.21 6.06 14.10
O1 SO4 N . -8.18 7.11 15.12
O2 SO4 N . -7.13 6.24 13.14
O3 SO4 N . -8.07 4.75 14.75
O4 SO4 N . -9.49 6.11 13.40
S SO4 O . 14.39 22.73 -26.25
O1 SO4 O . 14.43 24.13 -25.82
O2 SO4 O . 15.60 22.40 -26.98
O3 SO4 O . 14.29 21.88 -25.07
O4 SO4 O . 13.23 22.52 -27.11
S SO4 P . -15.75 -8.99 3.73
O1 SO4 P . -14.84 -7.88 3.94
O2 SO4 P . -15.13 -9.97 2.84
O3 SO4 P . -16.05 -9.64 5.01
O4 SO4 P . -16.99 -8.49 3.13
S SO4 Q . -9.29 -26.03 -0.05
O1 SO4 Q . -8.81 -24.76 0.48
O2 SO4 Q . -8.16 -26.82 -0.51
O3 SO4 Q . -10.00 -26.76 0.99
O4 SO4 Q . -10.19 -25.77 -1.16
O1 MES R . 24.43 25.97 9.83
C2 MES R . 23.10 26.49 9.95
C3 MES R . 22.03 25.40 9.90
N4 MES R . 22.31 24.46 8.87
C5 MES R . 23.54 23.76 9.12
C6 MES R . 24.52 24.55 10.00
C7 MES R . 21.20 23.46 8.78
C8 MES R . 20.03 24.05 7.96
S MES R . 18.54 24.11 9.02
O1S MES R . 18.25 22.73 9.59
O2S MES R . 18.72 25.13 10.11
O3S MES R . 17.30 24.37 8.22
H21 MES R . 22.93 27.19 9.12
H22 MES R . 23.01 27.03 10.89
H31 MES R . 21.99 24.89 10.85
H32 MES R . 21.06 25.87 9.70
HN4 MES R . 22.37 24.95 7.98
H51 MES R . 24.02 23.56 8.17
H52 MES R . 23.31 22.83 9.61
H61 MES R . 24.31 24.30 11.03
H62 MES R . 25.52 24.23 9.76
H71 MES R . 21.57 22.55 8.30
H72 MES R . 20.86 23.22 9.79
H81 MES R . 20.28 25.04 7.64
H82 MES R . 19.85 23.41 7.11
O1 MES S . -23.56 -26.22 27.31
C2 MES S . -22.29 -25.84 26.77
C3 MES S . -21.53 -24.85 27.64
N4 MES S . -22.40 -23.95 28.34
C5 MES S . -23.25 -24.67 29.25
C6 MES S . -23.73 -26.02 28.72
C7 MES S . -21.62 -22.89 29.05
C8 MES S . -20.55 -23.43 30.03
S MES S . -19.60 -22.03 30.73
O1S MES S . -18.86 -22.45 31.97
O2S MES S . -18.65 -21.46 29.70
O3S MES S . -20.49 -20.83 31.01
H21 MES S . -21.69 -26.74 26.65
H22 MES S . -22.46 -25.38 25.79
H31 MES S . -20.87 -24.26 27.01
H32 MES S . -20.94 -25.40 28.36
HN4 MES S . -22.98 -23.48 27.67
H51 MES S . -24.12 -24.06 29.46
H52 MES S . -22.70 -24.84 30.17
H61 MES S . -24.79 -26.12 28.95
H62 MES S . -23.18 -26.81 29.23
H71 MES S . -22.32 -22.28 29.61
H72 MES S . -21.13 -22.28 28.31
H81 MES S . -19.88 -24.09 29.50
H82 MES S . -21.03 -23.96 30.83
C1 PG6 T . 4.09 -30.78 24.76
O1 PG6 T . 2.75 -30.43 24.94
C2 PG6 T . 2.54 -29.15 25.43
C3 PG6 T . 1.22 -28.60 24.87
O2 PG6 T . 0.80 -29.42 23.81
C4 PG6 T . 1.31 -29.06 22.56
C5 PG6 T . 1.92 -30.31 21.92
O3 PG6 T . 3.18 -30.06 21.35
C6 PG6 T . 3.61 -31.12 20.55
C7 PG6 T . 4.98 -30.79 19.94
O4 PG6 T . 5.76 -30.14 20.91
C8 PG6 T . 6.39 -28.96 20.52
C9 PG6 T . 6.09 -27.89 21.57
O5 PG6 T . 4.74 -27.55 21.54
C10 PG6 T . 4.30 -26.99 22.74
C11 PG6 T . 3.29 -25.89 22.45
O6 PG6 T . 3.93 -24.75 21.95
C12 PG6 T . 4.72 -24.04 22.86
H11 PG6 T . 4.17 -31.85 24.59
H12 PG6 T . 4.49 -30.24 23.91
H13 PG6 T . 4.65 -30.51 25.65
H21 PG6 T . 2.48 -29.18 26.52
H22 PG6 T . 3.35 -28.50 25.14
H31 PG6 T . 1.38 -27.59 24.51
H32 PG6 T . 0.46 -28.60 25.64
H41 PG6 T . 0.51 -28.68 21.93
H42 PG6 T . 2.08 -28.30 22.67
H51 PG6 T . 2.03 -31.07 22.69
H52 PG6 T . 1.26 -30.66 21.15
H61 PG6 T . 2.90 -31.28 19.74
H62 PG6 T . 3.69 -32.02 21.15
H71 PG6 T . 4.86 -30.14 19.09
H72 PG6 T . 5.48 -31.72 19.64
H81 PG6 T . 6.01 -28.63 19.56
H82 PG6 T . 7.47 -29.11 20.45
H91 PG6 T . 6.35 -28.28 22.56
H92 PG6 T . 6.70 -27.00 21.37
H101 PG6 T . 5.15 -26.57 23.27
H102 PG6 T . 3.84 -27.77 23.34
H111 PG6 T . 2.77 -25.64 23.37
H112 PG6 T . 2.57 -26.25 21.72
H121 PG6 T . 4.11 -23.72 23.70
H122 PG6 T . 5.14 -23.17 22.37
H123 PG6 T . 5.53 -24.68 23.22
C1 PEG U . -3.12 -20.26 34.65
O1 PEG U . -3.55 -20.94 35.80
C2 PEG U . -3.20 -21.19 33.43
O2 PEG U . -4.41 -21.87 33.46
C3 PEG U . -4.64 -22.66 32.34
C4 PEG U . -5.81 -22.07 31.53
O4 PEG U . -7.00 -22.71 31.87
H11 PEG U . -3.78 -19.41 34.48
H12 PEG U . -2.10 -19.92 34.79
HO1 PEG U . -4.46 -21.15 35.73
H21 PEG U . -2.37 -21.89 33.46
H22 PEG U . -3.13 -20.60 32.52
H31 PEG U . -4.90 -23.67 32.65
H32 PEG U . -3.75 -22.69 31.72
H41 PEG U . -5.60 -22.21 30.47
H42 PEG U . -5.89 -21.01 31.74
HO4 PEG U . -7.29 -23.24 31.15
O1 MES V . -10.83 -28.77 29.34
C2 MES V . -10.20 -27.53 29.70
C3 MES V . -11.19 -26.41 29.97
N4 MES V . -12.51 -26.90 30.25
C5 MES V . -12.48 -28.10 31.04
C6 MES V . -11.78 -29.24 30.31
C7 MES V . -13.42 -25.89 30.90
C8 MES V . -12.90 -25.16 32.15
S MES V . -13.69 -23.52 32.22
O1S MES V . -13.88 -23.11 33.66
O2S MES V . -12.91 -22.49 31.44
O3S MES V . -15.03 -23.52 31.49
H21 MES V . -9.60 -27.70 30.60
H22 MES V . -9.54 -27.23 28.88
H31 MES V . -11.23 -25.76 29.09
H32 MES V . -10.85 -25.83 30.82
HN4 MES V . -12.93 -27.08 29.35
H51 MES V . -13.49 -28.40 31.29
H52 MES V . -11.94 -27.89 31.97
H61 MES V . -11.25 -29.85 31.04
H62 MES V . -12.53 -29.84 29.80
H71 MES V . -14.34 -26.40 31.17
H72 MES V . -13.65 -25.13 30.15
H81 MES V . -11.83 -25.05 32.10
H82 MES V . -13.15 -25.74 33.04
C1 PEG W . 11.66 -8.29 -12.08
O1 PEG W . 11.58 -7.11 -12.82
C2 PEG W . 11.52 -7.97 -10.60
O2 PEG W . 12.35 -8.82 -9.85
C3 PEG W . 12.54 -8.39 -8.53
C4 PEG W . 13.67 -9.20 -7.89
O4 PEG W . 14.71 -9.36 -8.81
H11 PEG W . 12.63 -8.76 -12.26
H12 PEG W . 10.87 -8.97 -12.39
HO1 PEG W . 10.92 -7.20 -13.50
H21 PEG W . 10.49 -8.12 -10.29
H22 PEG W . 11.80 -6.93 -10.43
H31 PEG W . 11.63 -8.54 -7.96
H32 PEG W . 12.80 -7.34 -8.51
H41 PEG W . 13.29 -10.17 -7.59
H42 PEG W . 14.05 -8.68 -7.02
HO4 PEG W . 14.35 -9.69 -9.63
C1 PG6 X . 34.28 11.95 18.53
O1 PG6 X . 34.75 10.92 17.71
C2 PG6 X . 34.63 11.03 16.31
C3 PG6 X . 33.23 11.51 15.90
O2 PG6 X . 32.95 11.35 14.54
C4 PG6 X . 32.72 10.03 14.18
C5 PG6 X . 33.76 9.73 13.11
O3 PG6 X . 33.50 8.46 12.59
C6 PG6 X . 34.15 7.42 13.25
C7 PG6 X . 34.64 6.48 12.15
O4 PG6 X . 33.51 5.93 11.57
C8 PG6 X . 33.33 4.55 11.74
C9 PG6 X . 31.86 4.27 11.97
O5 PG6 X . 31.23 3.79 10.81
C10 PG6 X . 31.25 2.40 10.64
C11 PG6 X . 29.97 2.00 9.89
O6 PG6 X . 29.87 0.61 9.80
C12 PG6 X . 28.57 0.13 9.60
H11 PG6 X . 34.13 12.84 17.93
H12 PG6 X . 35.00 12.16 19.31
H13 PG6 X . 33.33 11.66 18.97
H21 PG6 X . 35.35 11.76 15.96
H22 PG6 X . 34.82 10.08 15.86
H31 PG6 X . 33.13 12.55 16.16
H32 PG6 X . 32.49 10.94 16.47
H41 PG6 X . 31.72 9.91 13.78
H42 PG6 X . 32.85 9.37 15.03
H51 PG6 X . 34.75 9.75 13.55
H52 PG6 X . 33.69 10.47 12.32
H61 PG6 X . 33.46 6.89 13.90
H62 PG6 X . 34.99 7.79 13.83
H71 PG6 X . 35.27 5.71 12.57
H72 PG6 X . 35.21 7.04 11.41
H81 PG6 X . 33.91 4.21 12.58
H82 PG6 X . 33.67 4.03 10.84
H91 PG6 X . 31.36 5.19 12.27
H92 PG6 X . 31.75 3.53 12.75
H101 PG6 X . 31.27 1.91 11.60
H102 PG6 X . 32.11 2.11 10.06
H111 PG6 X . 29.98 2.43 8.89
H112 PG6 X . 29.10 2.39 10.42
H121 PG6 X . 28.61 -0.94 9.37
H122 PG6 X . 28.12 0.64 8.76
H123 PG6 X . 27.98 0.29 10.49
#